data_7LAR
#
_entry.id   7LAR
#
_cell.length_a   1.00
_cell.length_b   1.00
_cell.length_c   1.00
_cell.angle_alpha   90.00
_cell.angle_beta   90.00
_cell.angle_gamma   90.00
#
_symmetry.space_group_name_H-M   'P 1'
#
loop_
_entity.id
_entity.type
_entity.pdbx_description
1 polymer 'ATP-dependent helicase Rep'
2 polymer "DNA (5'-D(P*TP*TP*TP*TP*TP*T)-3')"
3 non-polymer "ADENOSINE-5'-DIPHOSPHATE"
4 non-polymer 'MAGNESIUM ION'
#
loop_
_entity_poly.entity_id
_entity_poly.type
_entity_poly.pdbx_seq_one_letter_code
_entity_poly.pdbx_strand_id
1 'polypeptide(L)'
;MPSKKNGRSGPQPHKRWVFTLNNPSEDERKKIRELPISLFDYFIVGEEGNEEGRTPHLQGFANFVKKQTFNKVKWYFGAR
CHIEKAKGTDQQNKEYCSKEGNLLMECGAPRSQGQRSDLSTAVSTLLESGSLVTVAEQHPVTFVRNFRGLAELLKVSGKM
QKRDWKTNVHVIVGPPGCGKSKWAANFADPETTYWKPPRNKWWDGYHGEEVVVIDDFYGWLPWDDLLRLCDRYPLTVETK
GGTVPFLARSILITSNQTPLEWYSSTAVPAVEALYRRITSLVFWKNATEQSTEEGGQFVTLSPPCPEFPYEINY
;
A,B,C,D,E,F
2 'polydeoxyribonucleotide' (DT)(DT)(DT)(DT)(DT)(DT) G
#
# COMPACT_ATOMS: atom_id res chain seq x y z
N LEU A 119 3.07 -19.74 -31.62
CA LEU A 119 3.45 -18.51 -30.93
C LEU A 119 4.31 -17.65 -31.84
N SER A 120 5.07 -18.28 -32.73
CA SER A 120 5.78 -17.53 -33.75
C SER A 120 4.82 -16.75 -34.63
N THR A 121 3.78 -17.43 -35.12
CA THR A 121 2.75 -16.76 -35.88
C THR A 121 1.94 -15.80 -35.02
N ALA A 122 1.86 -16.06 -33.71
CA ALA A 122 1.07 -15.22 -32.83
C ALA A 122 1.61 -13.80 -32.81
N VAL A 123 2.92 -13.64 -32.74
CA VAL A 123 3.50 -12.31 -32.77
C VAL A 123 3.27 -11.64 -34.11
N SER A 124 3.34 -12.43 -35.20
CA SER A 124 3.13 -11.87 -36.53
C SER A 124 1.73 -11.29 -36.65
N THR A 125 0.73 -12.03 -36.17
CA THR A 125 -0.63 -11.51 -36.19
C THR A 125 -0.78 -10.35 -35.21
N LEU A 126 -0.12 -10.43 -34.07
CA LEU A 126 -0.25 -9.39 -33.05
C LEU A 126 0.26 -8.05 -33.57
N LEU A 127 1.43 -8.04 -34.17
CA LEU A 127 2.04 -6.80 -34.63
C LEU A 127 1.66 -6.49 -36.07
N GLU A 128 0.35 -6.47 -36.35
CA GLU A 128 -0.20 -5.77 -37.51
C GLU A 128 -1.10 -4.62 -37.13
N SER A 129 -2.09 -4.85 -36.28
CA SER A 129 -3.08 -3.85 -35.90
C SER A 129 -3.97 -4.47 -34.84
N GLY A 130 -4.82 -3.63 -34.24
CA GLY A 130 -6.09 -4.05 -33.67
C GLY A 130 -5.96 -5.08 -32.57
N SER A 131 -5.07 -4.77 -31.63
CA SER A 131 -4.61 -5.70 -30.63
C SER A 131 -5.20 -5.36 -29.27
N LEU A 132 -5.50 -6.35 -28.41
CA LEU A 132 -5.25 -7.79 -28.55
C LEU A 132 -6.50 -8.54 -29.03
N VAL A 133 -7.53 -7.77 -29.41
CA VAL A 133 -8.85 -8.35 -29.65
C VAL A 133 -8.80 -9.33 -30.81
N THR A 134 -7.90 -9.10 -31.77
CA THR A 134 -7.89 -9.90 -32.98
C THR A 134 -7.00 -11.12 -32.82
N VAL A 135 -5.95 -11.01 -32.01
CA VAL A 135 -5.21 -12.21 -31.65
C VAL A 135 -6.11 -13.16 -30.87
N ALA A 136 -6.86 -12.61 -29.91
CA ALA A 136 -7.74 -13.45 -29.11
C ALA A 136 -8.83 -14.06 -29.94
N GLU A 137 -9.34 -13.32 -30.95
CA GLU A 137 -10.33 -13.89 -31.85
C GLU A 137 -9.72 -15.00 -32.72
N GLN A 138 -8.54 -14.75 -33.27
CA GLN A 138 -7.97 -15.63 -34.29
C GLN A 138 -7.18 -16.79 -33.71
N HIS A 139 -6.45 -16.56 -32.61
CA HIS A 139 -5.61 -17.58 -31.96
C HIS A 139 -6.09 -17.69 -30.52
N PRO A 140 -7.12 -18.50 -30.24
CA PRO A 140 -7.58 -18.56 -28.85
C PRO A 140 -6.62 -19.27 -27.94
N VAL A 141 -6.04 -20.38 -28.40
CA VAL A 141 -5.19 -21.19 -27.54
C VAL A 141 -3.95 -20.44 -27.12
N THR A 142 -3.22 -19.86 -28.08
CA THR A 142 -1.95 -19.23 -27.72
C THR A 142 -2.14 -17.96 -26.89
N PHE A 143 -3.35 -17.43 -26.78
CA PHE A 143 -3.61 -16.27 -25.95
C PHE A 143 -3.97 -16.63 -24.53
N VAL A 144 -4.44 -17.86 -24.29
CA VAL A 144 -4.63 -18.31 -22.92
C VAL A 144 -3.31 -18.26 -22.18
N ARG A 145 -2.25 -18.74 -22.82
CA ARG A 145 -0.90 -18.47 -22.36
C ARG A 145 -0.48 -17.10 -22.86
N ASN A 146 0.57 -16.56 -22.26
CA ASN A 146 1.24 -15.36 -22.74
C ASN A 146 0.36 -14.11 -22.78
N PHE A 147 -0.80 -14.10 -22.12
CA PHE A 147 -1.69 -12.95 -22.25
C PHE A 147 -1.07 -11.67 -21.70
N ARG A 148 -0.23 -11.78 -20.68
CA ARG A 148 0.47 -10.60 -20.18
C ARG A 148 1.60 -10.18 -21.10
N GLY A 149 2.13 -11.13 -21.87
CA GLY A 149 3.34 -10.87 -22.61
C GLY A 149 3.03 -10.29 -23.96
N LEU A 150 1.94 -10.73 -24.57
CA LEU A 150 1.51 -10.11 -25.82
C LEU A 150 1.16 -8.66 -25.59
N ALA A 151 0.45 -8.37 -24.49
CA ALA A 151 0.14 -6.99 -24.19
C ALA A 151 1.41 -6.19 -23.92
N GLU A 152 2.39 -6.78 -23.24
CA GLU A 152 3.61 -6.02 -23.00
C GLU A 152 4.38 -5.77 -24.29
N LEU A 153 4.47 -6.76 -25.19
CA LEU A 153 5.14 -6.54 -26.47
C LEU A 153 4.45 -5.45 -27.25
N LEU A 154 3.12 -5.50 -27.32
CA LEU A 154 2.37 -4.50 -28.07
C LEU A 154 2.57 -3.12 -27.48
N LYS A 155 2.54 -3.00 -26.15
CA LYS A 155 2.72 -1.70 -25.55
C LYS A 155 4.14 -1.18 -25.77
N VAL A 156 5.12 -2.07 -25.74
CA VAL A 156 6.49 -1.64 -25.97
C VAL A 156 6.67 -1.13 -27.39
N SER A 157 6.17 -1.86 -28.38
CA SER A 157 6.23 -1.33 -29.73
C SER A 157 5.30 -0.14 -29.85
N GLY A 158 5.50 0.66 -30.90
CA GLY A 158 4.69 1.84 -31.09
C GLY A 158 3.47 1.61 -31.95
N LYS A 159 2.77 0.51 -31.71
CA LYS A 159 1.64 0.08 -32.54
C LYS A 159 0.40 -0.17 -31.68
N MET A 160 0.19 0.65 -30.65
CA MET A 160 -1.05 0.55 -29.88
C MET A 160 -2.13 1.48 -30.43
N GLN A 161 -2.42 1.34 -31.74
CA GLN A 161 -3.66 1.74 -32.42
C GLN A 161 -4.16 3.11 -31.96
N LYS A 162 -3.33 4.12 -32.15
CA LYS A 162 -3.40 5.33 -31.33
C LYS A 162 -4.54 6.18 -31.87
N ARG A 163 -4.67 7.42 -31.41
CA ARG A 163 -5.87 8.20 -31.61
C ARG A 163 -5.47 9.62 -31.96
N ASP A 164 -6.24 10.20 -32.88
CA ASP A 164 -6.04 11.55 -33.37
C ASP A 164 -7.35 12.31 -33.49
N TRP A 165 -8.44 11.80 -32.93
CA TRP A 165 -9.77 12.36 -33.10
C TRP A 165 -10.23 12.97 -31.79
N LYS A 166 -10.64 14.23 -31.86
CA LYS A 166 -11.16 14.91 -30.68
C LYS A 166 -12.34 14.13 -30.16
N THR A 167 -12.27 13.73 -28.90
CA THR A 167 -13.27 12.84 -28.34
C THR A 167 -14.45 13.68 -27.89
N ASN A 168 -15.64 13.18 -28.17
CA ASN A 168 -16.84 13.95 -27.91
C ASN A 168 -17.21 13.81 -26.45
N VAL A 169 -17.64 14.91 -25.85
CA VAL A 169 -17.99 14.97 -24.45
C VAL A 169 -19.40 15.51 -24.36
N HIS A 170 -20.34 14.70 -23.91
CA HIS A 170 -21.71 15.10 -23.68
C HIS A 170 -21.92 15.14 -22.18
N VAL A 171 -22.41 16.26 -21.66
CA VAL A 171 -22.55 16.49 -20.22
C VAL A 171 -24.01 16.66 -19.89
N ILE A 172 -24.51 15.88 -18.95
CA ILE A 172 -25.92 15.83 -18.60
C ILE A 172 -26.10 16.30 -17.15
N VAL A 173 -27.13 17.10 -16.91
CA VAL A 173 -27.43 17.64 -15.60
C VAL A 173 -28.92 17.54 -15.35
N GLY A 174 -29.31 17.02 -14.19
CA GLY A 174 -30.71 16.97 -13.81
C GLY A 174 -30.89 16.32 -12.45
N PRO A 175 -31.91 16.71 -11.67
CA PRO A 175 -32.11 16.06 -10.37
C PRO A 175 -32.37 14.58 -10.52
N PRO A 176 -32.00 13.76 -9.53
CA PRO A 176 -32.13 12.31 -9.69
C PRO A 176 -33.56 11.84 -9.87
N GLY A 177 -33.71 10.77 -10.65
CA GLY A 177 -34.99 10.27 -11.08
C GLY A 177 -35.50 10.82 -12.39
N CYS A 178 -34.78 11.78 -13.00
CA CYS A 178 -35.18 12.38 -14.26
C CYS A 178 -34.56 11.68 -15.46
N GLY A 179 -34.16 10.42 -15.33
CA GLY A 179 -33.66 9.66 -16.45
C GLY A 179 -32.37 10.20 -17.04
N LYS A 180 -31.46 10.66 -16.18
CA LYS A 180 -30.14 11.07 -16.64
C LYS A 180 -29.43 9.91 -17.32
N SER A 181 -29.19 8.83 -16.59
CA SER A 181 -28.43 7.71 -17.10
C SER A 181 -29.21 6.89 -18.12
N LYS A 182 -30.54 6.99 -18.15
CA LYS A 182 -31.33 6.24 -19.13
C LYS A 182 -30.91 6.61 -20.54
N TRP A 183 -30.80 7.91 -20.80
CA TRP A 183 -30.38 8.38 -22.11
C TRP A 183 -28.97 7.91 -22.43
N ALA A 184 -28.09 7.88 -21.42
CA ALA A 184 -26.75 7.36 -21.64
C ALA A 184 -26.78 5.90 -22.03
N ALA A 185 -27.69 5.13 -21.43
CA ALA A 185 -27.82 3.74 -21.81
C ALA A 185 -28.37 3.58 -23.22
N ASN A 186 -29.25 4.50 -23.65
CA ASN A 186 -29.93 4.42 -24.94
C ASN A 186 -29.18 5.18 -26.04
N PHE A 187 -27.87 5.34 -25.90
CA PHE A 187 -27.09 6.17 -26.80
C PHE A 187 -26.51 5.37 -27.96
N ALA A 188 -25.74 4.32 -27.64
CA ALA A 188 -25.14 3.43 -28.63
C ALA A 188 -25.45 2.00 -28.26
N ASP A 189 -24.91 1.08 -29.05
CA ASP A 189 -25.14 -0.33 -28.84
C ASP A 189 -24.55 -0.75 -27.49
N PRO A 190 -25.27 -1.51 -26.66
CA PRO A 190 -24.68 -1.93 -25.38
C PRO A 190 -23.45 -2.81 -25.53
N GLU A 191 -23.26 -3.46 -26.67
CA GLU A 191 -22.09 -4.32 -26.86
C GLU A 191 -20.80 -3.54 -26.82
N THR A 192 -20.82 -2.28 -27.28
CA THR A 192 -19.64 -1.45 -27.46
C THR A 192 -19.70 -0.25 -26.53
N THR A 193 -20.13 -0.50 -25.29
CA THR A 193 -20.26 0.53 -24.28
C THR A 193 -19.49 0.10 -23.04
N TYR A 194 -18.80 1.07 -22.44
CA TYR A 194 -18.09 0.89 -21.18
C TYR A 194 -18.62 1.89 -20.17
N TRP A 195 -18.79 1.44 -18.93
CA TRP A 195 -19.20 2.27 -17.81
C TRP A 195 -18.02 2.38 -16.85
N LYS A 196 -17.60 3.60 -16.57
CA LYS A 196 -16.46 3.78 -15.67
C LYS A 196 -16.92 3.51 -14.25
N PRO A 197 -16.36 2.55 -13.51
CA PRO A 197 -16.76 2.39 -12.11
C PRO A 197 -16.30 3.59 -11.29
N PRO A 198 -17.18 4.26 -10.56
CA PRO A 198 -16.80 5.54 -9.96
C PRO A 198 -15.97 5.41 -8.69
N ARG A 199 -15.31 6.51 -8.37
CA ARG A 199 -14.45 6.63 -7.20
C ARG A 199 -13.35 5.58 -7.23
N ASN A 200 -12.81 5.34 -8.42
CA ASN A 200 -11.88 4.25 -8.63
C ASN A 200 -11.08 4.62 -9.87
N LYS A 201 -9.78 4.88 -9.70
CA LYS A 201 -8.98 5.35 -10.82
C LYS A 201 -8.50 4.23 -11.74
N TRP A 202 -9.06 3.01 -11.64
CA TRP A 202 -8.66 1.89 -12.45
C TRP A 202 -9.68 1.68 -13.57
N TRP A 203 -9.19 1.54 -14.80
CA TRP A 203 -10.02 1.43 -15.99
C TRP A 203 -10.17 -0.02 -16.44
N ASP A 204 -10.19 -0.94 -15.47
CA ASP A 204 -10.34 -2.35 -15.79
C ASP A 204 -11.66 -2.58 -16.50
N GLY A 205 -11.67 -3.53 -17.43
CA GLY A 205 -12.81 -3.73 -18.30
C GLY A 205 -12.77 -2.99 -19.62
N TYR A 206 -11.76 -2.15 -19.87
CA TYR A 206 -11.61 -1.41 -21.12
C TYR A 206 -11.01 -2.24 -22.26
N HIS A 207 -10.96 -3.57 -22.13
CA HIS A 207 -10.44 -4.46 -23.17
C HIS A 207 -11.44 -4.63 -24.34
N GLY A 208 -12.49 -3.81 -24.36
CA GLY A 208 -13.24 -3.47 -25.55
C GLY A 208 -13.24 -1.95 -25.62
N GLU A 209 -14.32 -1.31 -26.10
CA GLU A 209 -14.15 0.14 -26.26
C GLU A 209 -15.45 0.95 -26.38
N GLU A 210 -15.24 2.26 -26.57
CA GLU A 210 -15.68 3.38 -27.43
C GLU A 210 -17.03 4.08 -27.35
N VAL A 211 -18.01 3.69 -26.57
CA VAL A 211 -18.69 4.57 -25.62
C VAL A 211 -18.03 4.47 -24.25
N VAL A 212 -17.72 5.60 -23.63
CA VAL A 212 -17.34 5.63 -22.22
C VAL A 212 -18.33 6.51 -21.49
N VAL A 213 -19.09 5.95 -20.56
CA VAL A 213 -20.06 6.76 -19.81
C VAL A 213 -19.57 6.81 -18.37
N ILE A 214 -18.85 7.87 -18.03
CA ILE A 214 -18.59 8.18 -16.63
C ILE A 214 -19.92 8.64 -16.04
N ASP A 215 -20.51 7.86 -15.16
CA ASP A 215 -21.84 8.17 -14.66
C ASP A 215 -21.80 8.85 -13.30
N ASP A 216 -22.91 9.52 -12.98
CA ASP A 216 -23.25 10.03 -11.65
C ASP A 216 -22.15 10.85 -11.00
N PHE A 217 -21.39 11.57 -11.84
CA PHE A 217 -20.24 12.38 -11.44
C PHE A 217 -20.46 13.27 -10.23
N TYR A 218 -19.44 13.41 -9.38
CA TYR A 218 -19.40 14.51 -8.42
C TYR A 218 -18.02 15.15 -8.29
N GLY A 219 -17.08 14.88 -9.19
CA GLY A 219 -15.75 15.44 -9.13
C GLY A 219 -14.68 14.53 -8.60
N TRP A 220 -14.84 13.22 -8.75
CA TRP A 220 -14.01 12.22 -8.07
C TRP A 220 -12.79 11.79 -8.88
N LEU A 221 -12.55 12.40 -10.05
CA LEU A 221 -11.43 12.13 -10.93
C LEU A 221 -10.41 13.26 -10.81
N PRO A 222 -9.10 13.01 -10.94
CA PRO A 222 -8.16 14.14 -10.96
C PRO A 222 -8.45 15.02 -12.16
N TRP A 223 -8.50 16.34 -11.93
CA TRP A 223 -8.96 17.29 -12.95
C TRP A 223 -8.10 17.19 -14.20
N ASP A 224 -6.78 17.11 -14.04
CA ASP A 224 -5.90 17.04 -15.20
C ASP A 224 -6.18 15.78 -16.01
N ASP A 225 -6.40 14.65 -15.34
CA ASP A 225 -6.71 13.43 -16.08
C ASP A 225 -8.06 13.55 -16.78
N LEU A 226 -9.05 14.14 -16.11
CA LEU A 226 -10.36 14.38 -16.73
C LEU A 226 -10.20 15.20 -18.00
N LEU A 227 -9.36 16.23 -17.94
CA LEU A 227 -9.05 17.00 -19.14
C LEU A 227 -8.39 16.13 -20.19
N ARG A 228 -7.45 15.30 -19.76
CA ARG A 228 -6.68 14.47 -20.68
C ARG A 228 -7.58 13.50 -21.44
N LEU A 229 -8.62 13.00 -20.79
CA LEU A 229 -9.58 12.15 -21.48
C LEU A 229 -10.35 12.91 -22.54
N CYS A 230 -10.61 14.20 -22.30
CA CYS A 230 -11.37 15.05 -23.22
C CYS A 230 -10.50 15.80 -24.22
N ASP A 231 -9.18 15.65 -24.16
CA ASP A 231 -8.29 16.30 -25.12
C ASP A 231 -8.32 15.49 -26.42
N ARG A 232 -7.44 15.87 -27.36
CA ARG A 232 -7.33 15.21 -28.66
C ARG A 232 -6.14 14.24 -28.73
N TYR A 233 -5.15 14.40 -27.84
CA TYR A 233 -3.92 13.64 -27.94
C TYR A 233 -4.17 12.17 -27.57
N PRO A 234 -3.30 11.25 -28.02
CA PRO A 234 -3.46 9.85 -27.61
C PRO A 234 -3.18 9.67 -26.12
N LEU A 235 -3.79 8.62 -25.57
CA LEU A 235 -3.76 8.36 -24.14
C LEU A 235 -3.70 6.86 -23.88
N THR A 236 -3.16 6.50 -22.73
CA THR A 236 -3.11 5.10 -22.28
C THR A 236 -3.48 5.06 -20.81
N VAL A 237 -4.67 4.57 -20.50
CA VAL A 237 -5.13 4.43 -19.12
C VAL A 237 -4.61 3.10 -18.58
N GLU A 238 -4.55 3.02 -17.24
CA GLU A 238 -3.92 1.92 -16.53
C GLU A 238 -4.97 1.05 -15.86
N THR A 239 -4.89 -0.26 -16.09
CA THR A 239 -5.78 -1.25 -15.50
C THR A 239 -5.00 -2.17 -14.59
N LYS A 240 -5.72 -3.09 -13.96
CA LYS A 240 -5.14 -4.04 -13.03
C LYS A 240 -4.40 -5.08 -13.85
N GLY A 241 -3.09 -4.89 -14.05
CA GLY A 241 -2.29 -5.79 -14.86
C GLY A 241 -1.81 -5.18 -16.16
N GLY A 242 -1.56 -3.87 -16.18
CA GLY A 242 -0.95 -3.18 -17.29
C GLY A 242 -1.78 -2.00 -17.73
N THR A 243 -1.51 -1.53 -18.95
CA THR A 243 -2.14 -0.35 -19.52
C THR A 243 -2.86 -0.71 -20.81
N VAL A 244 -3.87 0.09 -21.13
CA VAL A 244 -4.79 -0.16 -22.24
C VAL A 244 -4.99 1.15 -23.01
N PRO A 245 -4.89 1.19 -24.35
CA PRO A 245 -5.14 2.45 -25.06
C PRO A 245 -6.57 2.94 -24.91
N PHE A 246 -6.73 4.26 -24.80
CA PHE A 246 -8.03 4.89 -24.56
C PHE A 246 -8.58 5.41 -25.89
N LEU A 247 -9.21 4.51 -26.64
CA LEU A 247 -9.83 4.84 -27.92
C LEU A 247 -11.31 5.13 -27.73
N ALA A 248 -11.59 6.28 -27.16
CA ALA A 248 -12.96 6.72 -26.95
C ALA A 248 -13.35 7.68 -28.05
N ARG A 249 -14.65 7.73 -28.32
CA ARG A 249 -15.21 8.68 -29.27
C ARG A 249 -16.33 9.52 -28.69
N SER A 250 -16.98 9.09 -27.61
CA SER A 250 -18.08 9.84 -27.00
C SER A 250 -18.09 9.57 -25.51
N ILE A 251 -17.81 10.60 -24.71
CA ILE A 251 -17.81 10.50 -23.26
C ILE A 251 -19.09 11.15 -22.75
N LEU A 252 -20.01 10.36 -22.19
CA LEU A 252 -21.29 10.86 -21.69
C LEU A 252 -21.16 11.13 -20.19
N ILE A 253 -20.60 12.29 -19.85
CA ILE A 253 -20.34 12.58 -18.44
C ILE A 253 -21.68 12.93 -17.82
N THR A 254 -22.30 11.99 -17.12
CA THR A 254 -23.63 12.18 -16.55
C THR A 254 -23.50 12.58 -15.09
N SER A 255 -24.21 13.64 -14.70
CA SER A 255 -24.13 14.18 -13.36
C SER A 255 -25.52 14.42 -12.80
N ASN A 256 -25.57 15.07 -11.64
CA ASN A 256 -26.81 15.58 -11.07
C ASN A 256 -26.74 17.07 -10.71
N GLN A 257 -25.57 17.70 -10.77
CA GLN A 257 -25.38 19.09 -10.38
C GLN A 257 -24.83 19.89 -11.56
N THR A 258 -24.71 21.20 -11.36
CA THR A 258 -24.19 22.09 -12.38
C THR A 258 -22.75 21.70 -12.72
N PRO A 259 -22.36 21.63 -14.01
CA PRO A 259 -21.03 21.11 -14.33
C PRO A 259 -19.87 21.94 -13.80
N LEU A 260 -20.10 23.21 -13.49
CA LEU A 260 -19.01 24.08 -13.06
C LEU A 260 -18.45 23.64 -11.71
N GLU A 261 -19.32 23.22 -10.79
CA GLU A 261 -18.94 23.04 -9.40
C GLU A 261 -18.04 21.83 -9.17
N TRP A 262 -17.84 20.96 -10.18
CA TRP A 262 -17.13 19.70 -9.99
C TRP A 262 -15.73 19.92 -9.44
N TYR A 263 -15.02 20.90 -9.96
CA TYR A 263 -13.64 21.19 -9.56
C TYR A 263 -13.51 22.66 -9.23
N SER A 264 -13.21 22.95 -7.95
CA SER A 264 -13.17 24.32 -7.46
C SER A 264 -12.07 25.11 -8.15
N SER A 265 -12.36 26.39 -8.40
CA SER A 265 -11.45 27.25 -9.14
C SER A 265 -10.12 27.43 -8.42
N THR A 266 -10.12 27.39 -7.09
CA THR A 266 -8.86 27.44 -6.35
C THR A 266 -8.07 26.16 -6.53
N ALA A 267 -8.76 25.03 -6.67
CA ALA A 267 -8.12 23.72 -6.78
C ALA A 267 -7.69 23.38 -8.21
N VAL A 268 -7.91 24.28 -9.17
CA VAL A 268 -7.66 24.03 -10.59
C VAL A 268 -6.85 25.20 -11.15
N PRO A 269 -5.80 24.99 -11.96
CA PRO A 269 -5.12 26.14 -12.57
C PRO A 269 -6.01 26.99 -13.47
N ALA A 270 -6.93 26.37 -14.21
CA ALA A 270 -7.78 27.13 -15.13
C ALA A 270 -9.07 26.35 -15.38
N VAL A 271 -10.19 26.88 -14.91
CA VAL A 271 -11.48 26.21 -15.08
C VAL A 271 -11.89 26.16 -16.54
N GLU A 272 -11.55 27.19 -17.31
CA GLU A 272 -11.97 27.27 -18.71
C GLU A 272 -11.35 26.17 -19.55
N ALA A 273 -10.22 25.59 -19.13
CA ALA A 273 -9.61 24.51 -19.89
C ALA A 273 -10.54 23.31 -20.01
N LEU A 274 -11.25 22.98 -18.93
CA LEU A 274 -12.27 21.94 -19.02
C LEU A 274 -13.38 22.34 -19.97
N TYR A 275 -13.80 23.61 -19.90
CA TYR A 275 -14.91 24.09 -20.74
C TYR A 275 -14.60 23.97 -22.22
N ARG A 276 -13.32 24.01 -22.60
CA ARG A 276 -12.97 24.12 -24.02
C ARG A 276 -13.33 22.86 -24.78
N ARG A 277 -13.19 21.69 -24.17
CA ARG A 277 -13.32 20.41 -24.86
C ARG A 277 -14.72 19.81 -24.76
N ILE A 278 -15.68 20.51 -24.17
CA ILE A 278 -17.05 19.99 -24.11
C ILE A 278 -17.68 20.09 -25.49
N THR A 279 -18.25 18.98 -25.96
CA THR A 279 -18.95 19.00 -27.25
C THR A 279 -20.36 19.55 -27.11
N SER A 280 -21.14 19.02 -26.16
CA SER A 280 -22.52 19.45 -25.99
C SER A 280 -22.94 19.24 -24.54
N LEU A 281 -23.97 19.97 -24.13
CA LEU A 281 -24.43 20.02 -22.76
C LEU A 281 -25.96 19.95 -22.72
N VAL A 282 -26.49 19.30 -21.70
CA VAL A 282 -27.92 19.11 -21.52
C VAL A 282 -28.28 19.41 -20.07
N PHE A 283 -29.21 20.32 -19.85
CA PHE A 283 -29.86 20.56 -18.57
C PHE A 283 -31.18 19.77 -18.52
N TRP A 284 -31.98 19.97 -17.48
CA TRP A 284 -33.29 19.35 -17.33
C TRP A 284 -34.34 20.45 -17.11
N LYS A 285 -35.54 20.22 -17.66
CA LYS A 285 -36.62 21.19 -17.69
C LYS A 285 -37.50 21.02 -16.44
N ASN A 286 -38.64 21.69 -16.40
CA ASN A 286 -39.50 21.73 -15.21
C ASN A 286 -40.27 20.41 -15.06
N ALA A 287 -39.50 19.37 -14.73
CA ALA A 287 -39.98 18.03 -14.43
C ALA A 287 -40.73 17.35 -15.58
N THR A 288 -40.63 17.87 -16.82
CA THR A 288 -41.32 17.31 -17.97
C THR A 288 -40.38 16.81 -19.06
N GLU A 289 -39.35 17.59 -19.44
CA GLU A 289 -38.59 17.35 -20.67
C GLU A 289 -37.09 17.45 -20.44
N GLN A 290 -36.34 16.75 -21.31
CA GLN A 290 -34.89 16.89 -21.43
C GLN A 290 -34.62 17.93 -22.52
N SER A 291 -34.07 19.08 -22.13
CA SER A 291 -33.79 20.17 -23.07
C SER A 291 -32.30 20.36 -23.24
N THR A 292 -31.88 20.68 -24.46
CA THR A 292 -30.48 20.92 -24.77
C THR A 292 -30.14 22.36 -24.47
N GLU A 293 -29.04 22.57 -23.75
CA GLU A 293 -28.62 23.91 -23.37
C GLU A 293 -27.81 24.53 -24.50
N GLU A 294 -28.23 25.72 -24.93
CA GLU A 294 -27.60 26.44 -26.03
C GLU A 294 -27.34 27.88 -25.59
N GLY A 295 -26.07 28.26 -25.55
CA GLY A 295 -25.67 29.64 -25.31
C GLY A 295 -24.66 29.81 -24.19
N GLY A 296 -24.75 30.97 -23.53
CA GLY A 296 -23.76 31.41 -22.56
C GLY A 296 -24.34 31.69 -21.19
N GLN A 297 -25.31 30.86 -20.78
CA GLN A 297 -25.90 30.98 -19.44
C GLN A 297 -24.85 30.92 -18.34
N PHE A 298 -23.77 30.16 -18.55
CA PHE A 298 -22.62 30.07 -17.67
C PHE A 298 -21.38 30.34 -18.51
N VAL A 299 -20.18 30.17 -17.95
CA VAL A 299 -18.96 30.54 -18.66
C VAL A 299 -18.78 29.59 -19.84
N THR A 300 -18.94 30.12 -21.05
CA THR A 300 -18.97 29.30 -22.26
C THR A 300 -17.56 28.94 -22.70
N LEU A 301 -17.47 28.26 -23.83
CA LEU A 301 -16.22 27.68 -24.34
C LEU A 301 -15.68 28.46 -25.53
N LEU B 119 -6.00 -28.21 -24.22
CA LEU B 119 -6.96 -27.25 -23.68
C LEU B 119 -7.85 -26.60 -24.74
N SER B 120 -7.70 -27.00 -26.01
CA SER B 120 -8.48 -26.41 -27.08
C SER B 120 -9.97 -26.68 -26.88
N THR B 121 -10.31 -27.86 -26.36
CA THR B 121 -11.69 -28.13 -26.01
C THR B 121 -12.16 -27.19 -24.92
N ALA B 122 -11.31 -26.92 -23.93
CA ALA B 122 -11.71 -26.04 -22.85
C ALA B 122 -11.91 -24.61 -23.35
N VAL B 123 -11.09 -24.17 -24.30
CA VAL B 123 -11.26 -22.80 -24.79
C VAL B 123 -12.53 -22.70 -25.61
N SER B 124 -12.80 -23.68 -26.47
CA SER B 124 -14.02 -23.65 -27.25
C SER B 124 -15.26 -23.74 -26.36
N THR B 125 -15.24 -24.63 -25.37
CA THR B 125 -16.36 -24.72 -24.43
C THR B 125 -16.45 -23.52 -23.50
N LEU B 126 -15.44 -22.64 -23.48
CA LEU B 126 -15.59 -21.34 -22.86
C LEU B 126 -16.11 -20.29 -23.83
N LEU B 127 -15.82 -20.44 -25.12
CA LEU B 127 -16.14 -19.37 -26.08
C LEU B 127 -17.64 -19.13 -26.19
N GLU B 128 -18.45 -20.19 -26.21
CA GLU B 128 -19.89 -20.03 -26.36
C GLU B 128 -20.60 -19.92 -25.02
N SER B 129 -20.15 -20.65 -24.01
CA SER B 129 -20.81 -20.59 -22.72
C SER B 129 -20.47 -19.29 -21.99
N GLY B 130 -19.22 -18.85 -22.11
CA GLY B 130 -18.83 -17.59 -21.52
C GLY B 130 -18.96 -17.57 -20.01
N SER B 131 -18.69 -18.70 -19.36
CA SER B 131 -18.72 -18.78 -17.90
C SER B 131 -17.60 -19.71 -17.44
N LEU B 132 -16.68 -19.16 -16.66
CA LEU B 132 -15.62 -19.97 -16.07
C LEU B 132 -16.17 -21.06 -15.16
N VAL B 133 -17.35 -20.84 -14.57
CA VAL B 133 -17.97 -21.84 -13.72
C VAL B 133 -18.18 -23.13 -14.50
N THR B 134 -18.68 -23.02 -15.72
CA THR B 134 -18.89 -24.20 -16.56
C THR B 134 -17.56 -24.90 -16.88
N VAL B 135 -16.52 -24.12 -17.17
CA VAL B 135 -15.21 -24.71 -17.48
C VAL B 135 -14.69 -25.47 -16.29
N ALA B 136 -14.80 -24.88 -15.10
CA ALA B 136 -14.33 -25.51 -13.88
C ALA B 136 -15.18 -26.74 -13.53
N GLU B 137 -16.44 -26.76 -13.97
CA GLU B 137 -17.25 -27.96 -13.79
C GLU B 137 -16.80 -29.07 -14.74
N GLN B 138 -16.52 -28.75 -15.99
CA GLN B 138 -16.24 -29.78 -16.98
C GLN B 138 -14.81 -30.29 -16.88
N HIS B 139 -13.83 -29.39 -17.05
CA HIS B 139 -12.40 -29.74 -17.11
C HIS B 139 -11.69 -28.95 -16.01
N PRO B 140 -11.74 -29.43 -14.75
CA PRO B 140 -11.02 -28.68 -13.71
C PRO B 140 -9.53 -28.56 -13.96
N VAL B 141 -8.91 -29.62 -14.47
CA VAL B 141 -7.44 -29.69 -14.54
C VAL B 141 -6.87 -28.55 -15.35
N THR B 142 -7.42 -28.32 -16.54
CA THR B 142 -6.97 -27.17 -17.31
C THR B 142 -7.28 -25.87 -16.58
N PHE B 143 -8.46 -25.78 -15.96
CA PHE B 143 -8.78 -24.56 -15.24
C PHE B 143 -7.86 -24.34 -14.05
N VAL B 144 -7.28 -25.40 -13.50
CA VAL B 144 -6.33 -25.22 -12.42
C VAL B 144 -5.05 -24.61 -12.94
N ARG B 145 -4.54 -25.11 -14.06
CA ARG B 145 -3.20 -24.72 -14.48
C ARG B 145 -3.18 -23.29 -15.03
N ASN B 146 -4.14 -22.93 -15.88
CA ASN B 146 -4.20 -21.60 -16.50
C ASN B 146 -5.57 -21.01 -16.22
N PHE B 147 -5.69 -20.32 -15.09
CA PHE B 147 -6.94 -19.65 -14.71
C PHE B 147 -6.92 -18.17 -14.99
N ARG B 148 -5.76 -17.52 -14.88
CA ARG B 148 -5.67 -16.14 -15.30
C ARG B 148 -5.89 -16.03 -16.80
N GLY B 149 -5.35 -16.98 -17.56
CA GLY B 149 -5.48 -16.93 -18.99
C GLY B 149 -6.90 -17.01 -19.48
N LEU B 150 -7.66 -17.97 -18.95
CA LEU B 150 -9.05 -18.12 -19.38
C LEU B 150 -9.87 -16.90 -19.01
N ALA B 151 -9.67 -16.37 -17.81
CA ALA B 151 -10.44 -15.19 -17.40
C ALA B 151 -10.10 -13.99 -18.26
N GLU B 152 -8.82 -13.79 -18.58
CA GLU B 152 -8.47 -12.66 -19.42
C GLU B 152 -8.97 -12.85 -20.84
N LEU B 153 -8.95 -14.08 -21.35
CA LEU B 153 -9.51 -14.35 -22.67
C LEU B 153 -11.00 -14.01 -22.70
N LEU B 154 -11.71 -14.39 -21.64
CA LEU B 154 -13.12 -14.07 -21.56
C LEU B 154 -13.33 -12.56 -21.52
N LYS B 155 -12.48 -11.84 -20.78
CA LYS B 155 -12.61 -10.39 -20.73
C LYS B 155 -12.36 -9.75 -22.10
N VAL B 156 -11.35 -10.24 -22.82
CA VAL B 156 -10.97 -9.59 -24.07
C VAL B 156 -11.97 -9.91 -25.17
N SER B 157 -12.45 -11.16 -25.24
CA SER B 157 -13.39 -11.52 -26.29
C SER B 157 -14.73 -10.79 -26.19
N GLY B 158 -15.02 -10.14 -25.07
CA GLY B 158 -16.19 -9.31 -24.92
C GLY B 158 -17.44 -10.04 -24.49
N LYS B 159 -17.42 -11.36 -24.41
CA LYS B 159 -18.55 -12.13 -23.92
C LYS B 159 -18.56 -12.20 -22.40
N MET B 160 -18.52 -11.04 -21.74
CA MET B 160 -18.66 -10.94 -20.30
C MET B 160 -20.15 -10.94 -20.00
N GLN B 161 -20.52 -10.66 -18.76
CA GLN B 161 -21.89 -10.71 -18.29
C GLN B 161 -22.22 -9.33 -17.70
N LYS B 162 -22.70 -8.45 -18.55
CA LYS B 162 -23.19 -7.16 -18.10
C LYS B 162 -24.55 -7.34 -17.45
N ARG B 163 -25.04 -6.27 -16.83
CA ARG B 163 -26.29 -6.23 -16.09
C ARG B 163 -27.24 -5.28 -16.81
N ASP B 164 -28.50 -5.72 -16.99
CA ASP B 164 -29.55 -4.86 -17.55
C ASP B 164 -30.87 -5.02 -16.81
N TRP B 165 -30.84 -5.33 -15.51
CA TRP B 165 -32.05 -5.58 -14.74
C TRP B 165 -31.97 -4.86 -13.40
N LYS B 166 -33.10 -4.34 -12.95
CA LYS B 166 -33.15 -3.64 -11.68
C LYS B 166 -32.95 -4.64 -10.56
N THR B 167 -32.08 -4.28 -9.62
CA THR B 167 -31.72 -5.13 -8.50
C THR B 167 -32.59 -4.75 -7.32
N ASN B 168 -33.44 -5.68 -6.89
CA ASN B 168 -34.31 -5.40 -5.76
C ASN B 168 -33.46 -5.16 -4.53
N VAL B 169 -33.88 -4.23 -3.67
CA VAL B 169 -33.16 -3.88 -2.45
C VAL B 169 -34.15 -3.99 -1.31
N HIS B 170 -34.21 -5.14 -0.65
CA HIS B 170 -35.09 -5.34 0.50
C HIS B 170 -34.34 -4.89 1.74
N VAL B 171 -34.87 -3.91 2.46
CA VAL B 171 -34.23 -3.35 3.64
C VAL B 171 -34.97 -3.83 4.87
N ILE B 172 -34.25 -4.43 5.81
CA ILE B 172 -34.79 -4.89 7.08
C ILE B 172 -34.24 -4.00 8.18
N VAL B 173 -35.11 -3.55 9.07
CA VAL B 173 -34.73 -2.69 10.18
C VAL B 173 -35.30 -3.30 11.45
N GLY B 174 -34.52 -3.27 12.52
CA GLY B 174 -35.03 -3.68 13.81
C GLY B 174 -33.98 -3.61 14.90
N PRO B 175 -34.41 -3.51 16.16
CA PRO B 175 -33.45 -3.49 17.26
C PRO B 175 -32.71 -4.81 17.35
N PRO B 176 -31.46 -4.81 17.81
CA PRO B 176 -30.64 -6.04 17.75
C PRO B 176 -31.24 -7.17 18.58
N GLY B 177 -31.10 -8.38 18.05
CA GLY B 177 -31.65 -9.56 18.66
C GLY B 177 -33.05 -9.90 18.21
N CYS B 178 -33.73 -9.01 17.49
CA CYS B 178 -35.07 -9.32 17.02
C CYS B 178 -35.09 -10.36 15.91
N GLY B 179 -33.95 -10.67 15.29
CA GLY B 179 -33.89 -11.66 14.25
C GLY B 179 -33.89 -11.09 12.85
N LYS B 180 -33.19 -9.97 12.63
CA LYS B 180 -33.04 -9.45 11.28
C LYS B 180 -32.32 -10.47 10.41
N SER B 181 -31.09 -10.80 10.76
CA SER B 181 -30.20 -11.51 9.86
C SER B 181 -30.65 -12.94 9.58
N LYS B 182 -31.45 -13.57 10.45
CA LYS B 182 -31.91 -14.92 10.14
C LYS B 182 -32.83 -14.95 8.93
N TRP B 183 -33.50 -13.82 8.68
CA TRP B 183 -34.36 -13.73 7.52
C TRP B 183 -33.53 -13.60 6.26
N ALA B 184 -32.36 -12.99 6.35
CA ALA B 184 -31.46 -12.96 5.20
C ALA B 184 -30.76 -14.28 5.02
N ALA B 185 -30.41 -14.94 6.12
CA ALA B 185 -29.68 -16.19 6.05
C ALA B 185 -30.52 -17.34 5.55
N ASN B 186 -31.85 -17.21 5.52
CA ASN B 186 -32.72 -18.27 5.01
C ASN B 186 -33.40 -17.90 3.70
N PHE B 187 -33.04 -16.79 3.08
CA PHE B 187 -34.00 -16.20 2.13
C PHE B 187 -34.02 -16.91 0.79
N ALA B 188 -32.91 -16.91 0.06
CA ALA B 188 -32.89 -17.50 -1.28
C ALA B 188 -32.41 -18.94 -1.30
N ASP B 189 -31.21 -19.16 -0.86
CA ASP B 189 -30.55 -20.45 -0.90
C ASP B 189 -29.31 -20.33 -0.03
N PRO B 190 -28.92 -21.31 0.79
CA PRO B 190 -27.61 -21.19 1.44
C PRO B 190 -26.42 -21.17 0.48
N GLU B 191 -26.57 -21.57 -0.79
CA GLU B 191 -25.45 -21.71 -1.71
C GLU B 191 -25.24 -20.54 -2.65
N THR B 192 -26.22 -19.64 -2.79
CA THR B 192 -26.18 -18.52 -3.73
C THR B 192 -26.43 -17.22 -3.01
N THR B 193 -25.76 -17.04 -1.88
CA THR B 193 -25.74 -15.77 -1.18
C THR B 193 -24.31 -15.42 -0.87
N TYR B 194 -23.94 -14.18 -1.16
CA TYR B 194 -22.62 -13.63 -0.91
C TYR B 194 -22.72 -12.64 0.24
N TRP B 195 -22.39 -13.08 1.43
CA TRP B 195 -22.35 -12.21 2.59
C TRP B 195 -21.18 -11.25 2.47
N LYS B 196 -21.47 -9.99 2.15
CA LYS B 196 -20.41 -9.05 1.78
C LYS B 196 -19.44 -8.86 2.95
N PRO B 197 -18.12 -8.87 2.71
CA PRO B 197 -17.20 -8.55 3.79
C PRO B 197 -17.42 -7.12 4.24
N PRO B 198 -17.46 -6.85 5.52
CA PRO B 198 -17.93 -5.54 5.98
C PRO B 198 -16.79 -4.53 5.95
N ARG B 199 -17.15 -3.27 6.13
CA ARG B 199 -16.25 -2.16 6.45
C ARG B 199 -15.26 -1.82 5.34
N ASN B 200 -15.30 -2.48 4.18
CA ASN B 200 -14.30 -2.25 3.15
C ASN B 200 -14.92 -2.49 1.78
N LYS B 201 -14.21 -2.04 0.76
CA LYS B 201 -14.71 -1.99 -0.60
C LYS B 201 -14.33 -3.20 -1.42
N TRP B 202 -13.88 -4.28 -0.78
CA TRP B 202 -13.40 -5.47 -1.48
C TRP B 202 -14.49 -6.52 -1.50
N TRP B 203 -14.73 -7.08 -2.67
CA TRP B 203 -15.78 -8.06 -2.93
C TRP B 203 -15.15 -9.40 -3.29
N ASP B 204 -14.05 -9.73 -2.62
CA ASP B 204 -13.22 -10.85 -3.05
C ASP B 204 -13.99 -12.16 -3.03
N GLY B 205 -13.62 -13.04 -3.94
CA GLY B 205 -14.12 -14.38 -3.90
C GLY B 205 -15.54 -14.50 -4.36
N TYR B 206 -16.08 -13.47 -5.01
CA TYR B 206 -17.52 -13.45 -5.14
C TYR B 206 -17.97 -14.41 -6.24
N HIS B 207 -17.52 -14.15 -7.48
CA HIS B 207 -17.47 -14.97 -8.67
C HIS B 207 -18.71 -15.85 -8.77
N GLY B 208 -19.86 -15.22 -8.62
CA GLY B 208 -21.12 -15.33 -9.29
C GLY B 208 -22.14 -16.13 -8.50
N GLU B 209 -23.06 -15.51 -7.76
CA GLU B 209 -24.26 -14.89 -8.27
C GLU B 209 -24.91 -14.29 -7.03
N GLU B 210 -25.72 -13.25 -7.16
CA GLU B 210 -27.16 -12.93 -7.21
C GLU B 210 -28.17 -12.95 -6.07
N VAL B 211 -27.93 -13.41 -4.87
CA VAL B 211 -28.11 -12.65 -3.63
C VAL B 211 -26.82 -11.94 -3.25
N VAL B 212 -26.89 -10.66 -2.94
CA VAL B 212 -25.80 -9.99 -2.23
C VAL B 212 -26.36 -9.45 -0.94
N VAL B 213 -25.88 -9.94 0.20
CA VAL B 213 -26.44 -9.56 1.49
C VAL B 213 -25.38 -8.77 2.24
N ILE B 214 -25.46 -7.44 2.13
CA ILE B 214 -24.73 -6.53 2.98
C ILE B 214 -25.38 -6.61 4.36
N ASP B 215 -24.69 -7.17 5.37
CA ASP B 215 -25.31 -7.31 6.67
C ASP B 215 -24.90 -6.18 7.61
N ASP B 216 -25.74 -5.97 8.63
CA ASP B 216 -25.54 -5.08 9.78
C ASP B 216 -25.18 -3.63 9.39
N PHE B 217 -25.49 -3.22 8.16
CA PHE B 217 -25.17 -1.91 7.60
C PHE B 217 -25.53 -0.72 8.51
N TYR B 218 -24.70 0.34 8.55
CA TYR B 218 -25.18 1.67 8.91
C TYR B 218 -24.61 2.80 8.05
N GLY B 219 -24.27 2.54 6.79
CA GLY B 219 -23.71 3.59 5.96
C GLY B 219 -22.22 3.52 5.74
N TRP B 220 -21.59 2.38 5.97
CA TRP B 220 -20.14 2.26 5.94
C TRP B 220 -19.61 1.96 4.54
N LEU B 221 -20.40 2.27 3.51
CA LEU B 221 -20.11 2.13 2.11
C LEU B 221 -20.23 3.53 1.49
N PRO B 222 -19.38 3.89 0.52
CA PRO B 222 -19.49 5.22 -0.08
C PRO B 222 -20.85 5.47 -0.71
N TRP B 223 -21.34 6.71 -0.58
CA TRP B 223 -22.71 7.04 -0.98
C TRP B 223 -22.94 6.77 -2.46
N ASP B 224 -22.07 7.29 -3.33
CA ASP B 224 -22.28 7.11 -4.76
C ASP B 224 -22.20 5.64 -5.14
N ASP B 225 -21.29 4.89 -4.51
CA ASP B 225 -21.22 3.47 -4.81
C ASP B 225 -22.44 2.72 -4.31
N LEU B 226 -23.04 3.16 -3.19
CA LEU B 226 -24.26 2.51 -2.74
C LEU B 226 -25.43 2.83 -3.66
N LEU B 227 -25.48 4.04 -4.21
CA LEU B 227 -26.47 4.31 -5.24
C LEU B 227 -26.24 3.44 -6.45
N ARG B 228 -24.98 3.24 -6.83
CA ARG B 228 -24.67 2.54 -8.06
C ARG B 228 -24.88 1.04 -7.95
N LEU B 229 -24.74 0.47 -6.76
CA LEU B 229 -25.05 -0.94 -6.59
C LEU B 229 -26.52 -1.23 -6.85
N CYS B 230 -27.40 -0.26 -6.61
CA CYS B 230 -28.84 -0.46 -6.58
C CYS B 230 -29.53 0.06 -7.83
N ASP B 231 -28.88 -0.03 -8.99
CA ASP B 231 -29.37 0.49 -10.25
C ASP B 231 -29.46 -0.63 -11.27
N ARG B 232 -29.92 -0.30 -12.47
CA ARG B 232 -30.15 -1.27 -13.54
C ARG B 232 -28.98 -1.40 -14.51
N TYR B 233 -28.11 -0.42 -14.58
CA TYR B 233 -27.05 -0.36 -15.57
C TYR B 233 -25.79 -1.04 -15.06
N PRO B 234 -24.90 -1.49 -15.94
CA PRO B 234 -23.77 -2.34 -15.53
C PRO B 234 -22.88 -1.71 -14.48
N LEU B 235 -22.03 -2.54 -13.90
CA LEU B 235 -21.08 -2.11 -12.90
C LEU B 235 -20.04 -3.20 -12.70
N THR B 236 -18.76 -2.84 -12.73
CA THR B 236 -17.69 -3.73 -12.33
C THR B 236 -17.30 -3.38 -10.90
N VAL B 237 -17.10 -4.40 -10.08
CA VAL B 237 -16.79 -4.24 -8.67
C VAL B 237 -15.39 -4.80 -8.40
N GLU B 238 -14.74 -4.27 -7.37
CA GLU B 238 -13.30 -4.41 -7.17
C GLU B 238 -12.95 -5.55 -6.23
N THR B 239 -11.90 -6.30 -6.57
CA THR B 239 -11.39 -7.43 -5.79
C THR B 239 -9.88 -7.28 -5.58
N LYS B 240 -9.31 -8.20 -4.80
CA LYS B 240 -7.87 -8.21 -4.52
C LYS B 240 -7.20 -9.04 -5.62
N GLY B 241 -6.92 -8.37 -6.74
CA GLY B 241 -6.35 -9.01 -7.91
C GLY B 241 -6.92 -8.50 -9.22
N GLY B 242 -8.07 -7.85 -9.16
CA GLY B 242 -8.71 -7.37 -10.37
C GLY B 242 -10.15 -7.00 -10.09
N THR B 243 -11.00 -7.20 -11.10
CA THR B 243 -12.40 -6.83 -11.04
C THR B 243 -13.27 -7.99 -11.51
N VAL B 244 -14.37 -8.21 -10.80
CA VAL B 244 -15.33 -9.26 -11.10
C VAL B 244 -16.65 -8.56 -11.40
N PRO B 245 -17.32 -8.83 -12.52
CA PRO B 245 -18.51 -8.04 -12.87
C PRO B 245 -19.63 -8.28 -11.89
N PHE B 246 -20.41 -7.23 -11.66
CA PHE B 246 -21.48 -7.26 -10.68
C PHE B 246 -22.80 -7.53 -11.39
N LEU B 247 -23.53 -8.52 -10.90
CA LEU B 247 -24.85 -8.82 -11.42
C LEU B 247 -25.65 -9.42 -10.28
N ALA B 248 -26.51 -8.64 -9.64
CA ALA B 248 -27.24 -9.09 -8.47
C ALA B 248 -28.72 -8.96 -8.71
N ARG B 249 -29.44 -10.06 -8.54
CA ARG B 249 -30.89 -10.02 -8.69
C ARG B 249 -31.62 -9.54 -7.46
N SER B 250 -30.97 -9.50 -6.30
CA SER B 250 -31.61 -8.89 -5.14
C SER B 250 -30.59 -8.64 -4.05
N ILE B 251 -30.57 -7.44 -3.52
CA ILE B 251 -29.70 -7.07 -2.41
C ILE B 251 -30.57 -7.04 -1.15
N LEU B 252 -30.09 -7.65 -0.08
CA LEU B 252 -30.69 -7.57 1.24
C LEU B 252 -29.80 -6.74 2.15
N ILE B 253 -30.34 -5.66 2.70
CA ILE B 253 -29.60 -4.75 3.58
C ILE B 253 -30.23 -4.85 4.94
N THR B 254 -29.44 -5.17 5.96
CA THR B 254 -29.88 -5.32 7.34
C THR B 254 -29.27 -4.22 8.19
N SER B 255 -30.11 -3.55 8.98
CA SER B 255 -29.68 -2.40 9.76
C SER B 255 -30.36 -2.38 11.11
N ASN B 256 -29.88 -1.46 11.97
CA ASN B 256 -30.51 -1.16 13.25
C ASN B 256 -31.24 0.17 13.25
N GLN B 257 -30.77 1.14 12.49
CA GLN B 257 -31.50 2.38 12.27
C GLN B 257 -32.33 2.24 11.01
N THR B 258 -33.30 3.12 10.86
CA THR B 258 -34.00 3.24 9.60
C THR B 258 -33.03 3.82 8.57
N PRO B 259 -33.25 3.58 7.28
CA PRO B 259 -32.39 4.21 6.26
C PRO B 259 -32.35 5.74 6.26
N LEU B 260 -33.21 6.42 7.02
CA LEU B 260 -33.20 7.88 7.01
C LEU B 260 -31.89 8.44 7.56
N GLU B 261 -31.19 7.68 8.41
CA GLU B 261 -29.96 8.14 9.07
C GLU B 261 -28.76 7.25 8.75
N TRP B 262 -28.77 6.56 7.61
CA TRP B 262 -27.56 5.89 7.18
C TRP B 262 -26.48 6.89 6.81
N TYR B 263 -26.87 8.01 6.21
CA TYR B 263 -25.94 9.04 5.77
C TYR B 263 -26.37 10.39 6.33
N SER B 264 -25.39 11.28 6.48
CA SER B 264 -25.68 12.66 6.84
C SER B 264 -26.58 13.30 5.79
N SER B 265 -27.78 13.72 6.22
CA SER B 265 -28.71 14.35 5.29
C SER B 265 -28.22 15.68 4.73
N THR B 266 -27.21 16.30 5.36
CA THR B 266 -26.63 17.55 4.87
C THR B 266 -25.42 17.28 3.98
N ALA B 267 -24.55 16.36 4.36
CA ALA B 267 -23.36 16.03 3.58
C ALA B 267 -23.65 15.24 2.30
N VAL B 268 -24.91 15.01 1.93
CA VAL B 268 -25.28 14.26 0.73
C VAL B 268 -26.07 15.22 -0.16
N PRO B 269 -25.75 15.37 -1.48
CA PRO B 269 -26.48 16.35 -2.32
C PRO B 269 -28.00 16.17 -2.38
N ALA B 270 -28.46 14.99 -2.78
CA ALA B 270 -29.90 14.71 -2.87
C ALA B 270 -30.13 13.32 -2.29
N VAL B 271 -30.68 13.25 -1.08
CA VAL B 271 -30.88 11.96 -0.43
C VAL B 271 -32.09 11.21 -0.94
N GLU B 272 -32.95 11.82 -1.76
CA GLU B 272 -34.07 11.09 -2.32
C GLU B 272 -33.64 10.00 -3.28
N ALA B 273 -32.42 10.07 -3.82
CA ALA B 273 -31.97 9.12 -4.81
C ALA B 273 -31.67 7.73 -4.25
N LEU B 274 -31.57 7.58 -2.93
CA LEU B 274 -31.46 6.26 -2.32
C LEU B 274 -32.85 5.66 -2.06
N TYR B 275 -33.73 6.45 -1.42
CA TYR B 275 -35.07 5.93 -1.11
C TYR B 275 -35.82 5.51 -2.36
N ARG B 276 -35.54 6.13 -3.49
CA ARG B 276 -36.22 5.79 -4.72
C ARG B 276 -35.89 4.38 -5.20
N ARG B 277 -34.76 3.81 -4.76
CA ARG B 277 -34.28 2.53 -5.25
C ARG B 277 -34.75 1.35 -4.39
N ILE B 278 -34.98 1.56 -3.10
CA ILE B 278 -35.45 0.50 -2.22
C ILE B 278 -36.78 -0.03 -2.72
N THR B 279 -36.87 -1.33 -2.92
CA THR B 279 -38.12 -1.93 -3.37
C THR B 279 -39.02 -2.36 -2.23
N SER B 280 -38.49 -2.61 -1.04
CA SER B 280 -39.32 -2.99 0.09
C SER B 280 -38.57 -2.72 1.39
N LEU B 281 -39.22 -2.02 2.30
CA LEU B 281 -38.62 -1.61 3.57
C LEU B 281 -39.35 -2.31 4.69
N VAL B 282 -38.80 -3.43 5.16
CA VAL B 282 -39.45 -4.29 6.14
C VAL B 282 -38.99 -3.88 7.52
N PHE B 283 -39.92 -3.76 8.45
CA PHE B 283 -39.66 -3.21 9.77
C PHE B 283 -39.87 -4.27 10.84
N TRP B 284 -39.72 -3.85 12.10
CA TRP B 284 -40.02 -4.66 13.28
C TRP B 284 -40.97 -3.86 14.15
N LYS B 285 -42.11 -4.44 14.47
CA LYS B 285 -43.13 -3.81 15.29
C LYS B 285 -42.90 -4.19 16.76
N ASN B 286 -43.87 -3.85 17.62
CA ASN B 286 -43.66 -3.76 19.07
C ASN B 286 -43.58 -5.16 19.65
N ALA B 287 -42.39 -5.74 19.53
CA ALA B 287 -42.03 -7.04 20.12
C ALA B 287 -42.94 -8.17 19.66
N THR B 288 -43.50 -8.06 18.44
CA THR B 288 -44.39 -9.08 17.91
C THR B 288 -43.84 -9.79 16.68
N GLU B 289 -43.40 -9.06 15.66
CA GLU B 289 -43.16 -9.68 14.35
C GLU B 289 -42.42 -8.67 13.47
N GLN B 290 -42.19 -9.06 12.22
CA GLN B 290 -41.58 -8.20 11.18
C GLN B 290 -42.69 -7.81 10.22
N SER B 291 -43.38 -6.72 10.52
CA SER B 291 -44.50 -6.24 9.72
C SER B 291 -43.99 -5.35 8.60
N THR B 292 -44.20 -5.77 7.36
CA THR B 292 -43.71 -5.01 6.20
C THR B 292 -44.37 -3.65 6.14
N GLU B 293 -43.54 -2.60 6.10
CA GLU B 293 -44.08 -1.27 5.89
C GLU B 293 -44.38 -1.06 4.41
N GLU B 294 -45.18 -0.03 4.15
CA GLU B 294 -45.62 0.35 2.81
C GLU B 294 -44.90 1.61 2.40
N GLY B 295 -44.26 1.58 1.24
CA GLY B 295 -43.46 2.70 0.82
C GLY B 295 -44.30 3.87 0.36
N GLY B 296 -43.62 4.99 0.16
CA GLY B 296 -44.25 6.20 -0.31
C GLY B 296 -45.02 6.96 0.75
N GLN B 297 -45.15 6.43 1.97
CA GLN B 297 -45.90 7.13 3.00
C GLN B 297 -45.03 8.20 3.66
N PHE B 298 -43.91 7.79 4.24
CA PHE B 298 -43.06 8.71 4.98
C PHE B 298 -42.01 9.36 4.08
N VAL B 299 -41.43 8.59 3.16
CA VAL B 299 -40.59 9.10 2.08
C VAL B 299 -40.87 8.25 0.84
N THR B 300 -40.23 8.61 -0.28
CA THR B 300 -40.47 7.93 -1.53
C THR B 300 -39.95 6.50 -1.49
N LEU B 301 -40.45 5.67 -2.40
CA LEU B 301 -39.99 4.28 -2.50
C LEU B 301 -40.29 3.68 -3.86
N LEU C 119 -1.49 -34.45 -10.17
CA LEU C 119 -2.45 -33.39 -9.90
C LEU C 119 -3.87 -33.82 -10.26
N SER C 120 -3.99 -34.65 -11.29
CA SER C 120 -5.29 -35.07 -11.80
C SER C 120 -6.16 -35.74 -10.74
N THR C 121 -5.54 -36.34 -9.74
CA THR C 121 -6.24 -36.87 -8.58
C THR C 121 -6.34 -35.84 -7.46
N ALA C 122 -5.33 -34.98 -7.34
CA ALA C 122 -5.36 -33.96 -6.29
C ALA C 122 -6.52 -33.00 -6.49
N VAL C 123 -6.79 -32.61 -7.74
CA VAL C 123 -7.95 -31.76 -8.00
C VAL C 123 -9.23 -32.49 -7.62
N SER C 124 -9.29 -33.79 -7.90
CA SER C 124 -10.46 -34.57 -7.53
C SER C 124 -10.69 -34.54 -6.02
N THR C 125 -9.63 -34.69 -5.24
CA THR C 125 -9.76 -34.56 -3.79
C THR C 125 -10.22 -33.16 -3.41
N LEU C 126 -9.67 -32.15 -4.08
CA LEU C 126 -9.95 -30.76 -3.71
C LEU C 126 -11.40 -30.41 -3.93
N LEU C 127 -11.98 -30.86 -5.05
CA LEU C 127 -13.32 -30.43 -5.39
C LEU C 127 -14.37 -31.00 -4.45
N GLU C 128 -14.10 -32.15 -3.83
CA GLU C 128 -15.08 -32.86 -3.01
C GLU C 128 -14.76 -32.83 -1.53
N SER C 129 -13.51 -32.57 -1.14
CA SER C 129 -13.23 -32.31 0.27
C SER C 129 -13.62 -30.89 0.66
N GLY C 130 -13.48 -29.94 -0.26
CA GLY C 130 -13.87 -28.59 0.00
C GLY C 130 -12.96 -27.81 0.91
N SER C 131 -11.77 -28.30 1.20
CA SER C 131 -10.84 -27.66 2.12
C SER C 131 -9.43 -27.84 1.61
N LEU C 132 -8.75 -26.72 1.32
CA LEU C 132 -7.38 -26.79 0.82
C LEU C 132 -6.44 -27.45 1.81
N VAL C 133 -6.76 -27.41 3.11
CA VAL C 133 -5.93 -28.04 4.12
C VAL C 133 -5.80 -29.54 3.83
N THR C 134 -6.91 -30.16 3.40
CA THR C 134 -6.91 -31.59 3.10
C THR C 134 -5.93 -31.91 1.99
N VAL C 135 -5.98 -31.15 0.89
CA VAL C 135 -5.08 -31.38 -0.22
C VAL C 135 -3.65 -31.15 0.22
N ALA C 136 -3.44 -30.07 0.98
CA ALA C 136 -2.11 -29.74 1.46
C ALA C 136 -1.52 -30.83 2.34
N GLU C 137 -2.36 -31.62 2.99
CA GLU C 137 -1.86 -32.73 3.80
C GLU C 137 -1.74 -34.04 3.04
N GLN C 138 -2.55 -34.26 2.01
CA GLN C 138 -2.49 -35.57 1.33
C GLN C 138 -1.26 -35.69 0.44
N HIS C 139 -1.15 -34.80 -0.56
CA HIS C 139 -0.04 -34.78 -1.51
C HIS C 139 0.51 -33.35 -1.49
N PRO C 140 1.44 -33.03 -0.59
CA PRO C 140 1.95 -31.65 -0.57
C PRO C 140 2.63 -31.24 -1.86
N VAL C 141 3.33 -32.17 -2.53
CA VAL C 141 4.21 -31.80 -3.63
C VAL C 141 3.42 -31.20 -4.80
N THR C 142 2.26 -31.75 -5.10
CA THR C 142 1.39 -31.15 -6.12
C THR C 142 0.54 -30.03 -5.56
N PHE C 143 0.71 -29.66 -4.29
CA PHE C 143 0.19 -28.42 -3.76
C PHE C 143 1.25 -27.33 -3.72
N VAL C 144 2.53 -27.68 -3.64
CA VAL C 144 3.58 -26.67 -3.73
C VAL C 144 3.49 -25.97 -5.07
N ARG C 145 3.36 -26.75 -6.14
CA ARG C 145 3.05 -26.21 -7.45
C ARG C 145 1.55 -26.15 -7.63
N ASN C 146 1.11 -25.17 -8.41
CA ASN C 146 -0.31 -24.97 -8.69
C ASN C 146 -1.13 -24.61 -7.46
N PHE C 147 -0.55 -23.89 -6.49
CA PHE C 147 -1.33 -23.56 -5.30
C PHE C 147 -2.33 -22.45 -5.57
N ARG C 148 -2.03 -21.50 -6.44
CA ARG C 148 -3.03 -20.50 -6.78
C ARG C 148 -4.19 -21.16 -7.51
N GLY C 149 -3.87 -22.08 -8.42
CA GLY C 149 -4.90 -22.71 -9.23
C GLY C 149 -5.94 -23.44 -8.41
N LEU C 150 -5.49 -24.21 -7.41
CA LEU C 150 -6.45 -24.93 -6.58
C LEU C 150 -7.32 -23.97 -5.80
N ALA C 151 -6.75 -22.90 -5.23
CA ALA C 151 -7.58 -21.98 -4.48
C ALA C 151 -8.55 -21.22 -5.36
N GLU C 152 -8.28 -21.14 -6.66
CA GLU C 152 -9.19 -20.41 -7.54
C GLU C 152 -10.25 -21.33 -8.09
N LEU C 153 -9.90 -22.59 -8.34
CA LEU C 153 -10.92 -23.59 -8.64
C LEU C 153 -11.89 -23.73 -7.47
N LEU C 154 -11.36 -23.76 -6.24
CA LEU C 154 -12.22 -23.86 -5.07
C LEU C 154 -13.12 -22.64 -4.93
N LYS C 155 -12.60 -21.45 -5.23
CA LYS C 155 -13.46 -20.27 -5.15
C LYS C 155 -14.54 -20.31 -6.22
N VAL C 156 -14.20 -20.72 -7.44
CA VAL C 156 -15.18 -20.70 -8.53
C VAL C 156 -16.26 -21.75 -8.30
N SER C 157 -15.86 -22.98 -7.98
CA SER C 157 -16.82 -24.08 -7.94
C SER C 157 -17.87 -23.92 -6.86
N GLY C 158 -17.65 -23.04 -5.88
CA GLY C 158 -18.63 -22.79 -4.86
C GLY C 158 -18.56 -23.70 -3.66
N LYS C 159 -17.73 -24.74 -3.69
CA LYS C 159 -17.56 -25.63 -2.56
C LYS C 159 -16.63 -25.08 -1.49
N MET C 160 -16.30 -23.78 -1.53
CA MET C 160 -15.58 -23.16 -0.44
C MET C 160 -16.44 -23.16 0.81
N GLN C 161 -15.83 -23.45 1.95
CA GLN C 161 -16.57 -23.70 3.16
C GLN C 161 -17.02 -22.39 3.80
N LYS C 162 -18.30 -22.31 4.12
CA LYS C 162 -18.90 -21.16 4.80
C LYS C 162 -19.00 -21.49 6.27
N ARG C 163 -19.59 -20.56 7.04
CA ARG C 163 -19.98 -20.79 8.41
C ARG C 163 -21.50 -20.71 8.51
N ASP C 164 -22.10 -21.70 9.16
CA ASP C 164 -23.52 -21.66 9.51
C ASP C 164 -23.80 -22.06 10.96
N TRP C 165 -22.76 -22.28 11.76
CA TRP C 165 -22.89 -22.66 13.17
C TRP C 165 -22.72 -21.40 14.02
N LYS C 166 -22.79 -21.57 15.34
CA LYS C 166 -22.67 -20.48 16.30
C LYS C 166 -21.30 -20.57 16.93
N THR C 167 -20.52 -19.51 16.83
CA THR C 167 -19.17 -19.48 17.38
C THR C 167 -19.29 -19.03 18.83
N ASN C 168 -19.23 -20.00 19.75
CA ASN C 168 -19.40 -19.71 21.17
C ASN C 168 -18.19 -18.96 21.72
N VAL C 169 -18.43 -17.83 22.36
CA VAL C 169 -17.38 -16.89 22.74
C VAL C 169 -17.19 -16.95 24.25
N HIS C 170 -15.97 -17.29 24.67
CA HIS C 170 -15.58 -17.27 26.08
C HIS C 170 -14.84 -15.99 26.35
N VAL C 171 -15.17 -15.31 27.44
CA VAL C 171 -14.49 -14.10 27.86
C VAL C 171 -13.84 -14.38 29.19
N ILE C 172 -12.57 -14.03 29.31
CA ILE C 172 -11.80 -14.21 30.54
C ILE C 172 -11.38 -12.83 31.03
N VAL C 173 -11.52 -12.59 32.33
CA VAL C 173 -11.15 -11.33 32.93
C VAL C 173 -10.26 -11.62 34.13
N GLY C 174 -9.45 -10.63 34.50
CA GLY C 174 -8.66 -10.68 35.71
C GLY C 174 -7.43 -9.80 35.60
N PRO C 175 -6.84 -9.40 36.72
CA PRO C 175 -5.65 -8.53 36.66
C PRO C 175 -4.47 -9.28 36.08
N PRO C 176 -3.48 -8.56 35.53
CA PRO C 176 -2.43 -9.22 34.74
C PRO C 176 -1.60 -10.20 35.55
N GLY C 177 -1.06 -11.20 34.86
CA GLY C 177 -0.22 -12.20 35.49
C GLY C 177 -0.94 -13.31 36.20
N CYS C 178 -2.25 -13.21 36.38
CA CYS C 178 -3.02 -14.24 37.04
C CYS C 178 -3.20 -15.49 36.20
N GLY C 179 -2.59 -15.65 35.03
CA GLY C 179 -2.74 -16.87 34.26
C GLY C 179 -3.87 -16.89 33.27
N LYS C 180 -4.32 -15.72 32.81
CA LYS C 180 -5.31 -15.68 31.74
C LYS C 180 -4.81 -16.40 30.50
N SER C 181 -3.62 -16.01 30.03
CA SER C 181 -3.12 -16.55 28.77
C SER C 181 -2.84 -18.05 28.87
N LYS C 182 -2.39 -18.53 30.03
CA LYS C 182 -2.10 -19.95 30.18
C LYS C 182 -3.35 -20.78 29.99
N TRP C 183 -4.46 -20.33 30.58
CA TRP C 183 -5.73 -21.03 30.40
C TRP C 183 -6.12 -21.03 28.92
N ALA C 184 -5.82 -19.94 28.21
CA ALA C 184 -6.19 -19.86 26.81
C ALA C 184 -5.35 -20.79 25.96
N ALA C 185 -4.09 -20.97 26.31
CA ALA C 185 -3.28 -21.96 25.61
C ALA C 185 -3.61 -23.39 26.03
N ASN C 186 -4.29 -23.58 27.17
CA ASN C 186 -4.72 -24.90 27.63
C ASN C 186 -6.17 -25.20 27.33
N PHE C 187 -6.83 -24.41 26.48
CA PHE C 187 -8.22 -24.67 26.11
C PHE C 187 -8.35 -25.62 24.94
N ALA C 188 -7.36 -25.66 24.05
CA ALA C 188 -7.38 -26.57 22.92
C ALA C 188 -5.96 -26.89 22.53
N ASP C 189 -5.81 -27.79 21.57
CA ASP C 189 -4.49 -28.21 21.16
C ASP C 189 -3.76 -27.06 20.49
N PRO C 190 -2.45 -26.89 20.72
CA PRO C 190 -1.73 -25.80 20.04
C PRO C 190 -1.67 -25.95 18.54
N GLU C 191 -1.97 -27.14 18.00
CA GLU C 191 -2.02 -27.33 16.57
C GLU C 191 -3.11 -26.51 15.90
N THR C 192 -4.15 -26.11 16.63
CA THR C 192 -5.33 -25.45 16.09
C THR C 192 -5.52 -24.02 16.55
N THR C 193 -5.16 -23.69 17.80
CA THR C 193 -5.35 -22.34 18.31
C THR C 193 -4.60 -21.32 17.48
N TYR C 194 -5.33 -20.43 16.81
CA TYR C 194 -4.75 -19.31 16.09
C TYR C 194 -4.77 -18.10 17.02
N TRP C 195 -3.59 -17.64 17.43
CA TRP C 195 -3.48 -16.46 18.27
C TRP C 195 -3.54 -15.22 17.41
N LYS C 196 -4.56 -14.39 17.62
CA LYS C 196 -4.79 -13.25 16.75
C LYS C 196 -3.64 -12.25 16.85
N PRO C 197 -3.10 -11.74 15.74
CA PRO C 197 -2.10 -10.69 15.85
C PRO C 197 -2.71 -9.45 16.48
N PRO C 198 -1.98 -8.69 17.28
CA PRO C 198 -2.64 -7.64 18.05
C PRO C 198 -2.78 -6.36 17.25
N ARG C 199 -3.89 -5.68 17.49
CA ARG C 199 -4.12 -4.27 17.22
C ARG C 199 -4.20 -3.91 15.75
N ASN C 200 -4.06 -4.85 14.81
CA ASN C 200 -3.80 -4.50 13.41
C ASN C 200 -4.72 -5.20 12.42
N LYS C 201 -5.87 -5.73 12.85
CA LYS C 201 -7.03 -6.06 12.02
C LYS C 201 -6.71 -6.89 10.77
N TRP C 202 -5.62 -7.65 10.80
CA TRP C 202 -5.16 -8.43 9.67
C TRP C 202 -5.09 -9.88 10.11
N TRP C 203 -6.07 -10.69 9.69
CA TRP C 203 -6.11 -12.09 10.08
C TRP C 203 -5.19 -12.95 9.20
N ASP C 204 -3.91 -12.58 9.19
CA ASP C 204 -2.92 -13.34 8.45
C ASP C 204 -2.50 -14.56 9.23
N GLY C 205 -2.03 -15.58 8.51
CA GLY C 205 -1.67 -16.84 9.12
C GLY C 205 -2.85 -17.75 9.39
N TYR C 206 -4.07 -17.26 9.23
CA TYR C 206 -5.26 -18.06 9.38
C TYR C 206 -5.51 -18.78 8.07
N HIS C 207 -5.44 -20.09 8.07
CA HIS C 207 -6.16 -20.88 7.08
C HIS C 207 -6.86 -22.01 7.78
N GLY C 208 -7.45 -21.68 8.93
CA GLY C 208 -8.49 -22.42 9.60
C GLY C 208 -7.89 -23.31 10.64
N GLU C 209 -8.38 -23.25 11.86
CA GLU C 209 -9.29 -24.26 12.38
C GLU C 209 -9.83 -23.67 13.67
N GLU C 210 -10.63 -24.44 14.39
CA GLU C 210 -11.62 -23.91 15.33
C GLU C 210 -11.24 -22.79 16.28
N VAL C 211 -10.25 -22.98 17.13
CA VAL C 211 -10.01 -22.01 18.22
C VAL C 211 -9.32 -20.75 17.71
N VAL C 212 -9.80 -19.60 18.16
CA VAL C 212 -9.20 -18.28 17.96
C VAL C 212 -9.06 -17.61 19.32
N VAL C 213 -7.86 -17.27 19.77
CA VAL C 213 -7.72 -16.58 21.05
C VAL C 213 -7.23 -15.16 20.78
N ILE C 214 -8.18 -14.21 20.72
CA ILE C 214 -7.84 -12.80 20.72
C ILE C 214 -7.32 -12.46 22.11
N ASP C 215 -6.03 -12.18 22.25
CA ASP C 215 -5.49 -12.10 23.61
C ASP C 215 -5.40 -10.66 24.07
N ASP C 216 -5.36 -10.49 25.39
CA ASP C 216 -5.07 -9.23 26.08
C ASP C 216 -5.95 -8.06 25.60
N PHE C 217 -7.14 -8.36 25.06
CA PHE C 217 -8.10 -7.38 24.54
C PHE C 217 -8.31 -6.19 25.45
N TYR C 218 -8.39 -4.99 24.87
CA TYR C 218 -8.85 -3.81 25.57
C TYR C 218 -9.76 -2.93 24.72
N GLY C 219 -10.13 -3.35 23.52
CA GLY C 219 -11.00 -2.58 22.64
C GLY C 219 -10.38 -2.22 21.32
N TRP C 220 -9.38 -3.00 20.88
CA TRP C 220 -8.58 -2.61 19.72
C TRP C 220 -9.12 -3.20 18.42
N LEU C 221 -10.41 -3.52 18.37
CA LEU C 221 -11.08 -4.09 17.22
C LEU C 221 -12.29 -3.20 16.95
N PRO C 222 -12.62 -2.90 15.69
CA PRO C 222 -13.84 -2.13 15.43
C PRO C 222 -15.07 -2.83 15.99
N TRP C 223 -16.00 -2.02 16.49
CA TRP C 223 -17.14 -2.54 17.25
C TRP C 223 -17.96 -3.51 16.40
N ASP C 224 -18.23 -3.14 15.15
CA ASP C 224 -19.06 -4.01 14.33
C ASP C 224 -18.36 -5.32 14.03
N ASP C 225 -17.03 -5.31 13.89
CA ASP C 225 -16.32 -6.57 13.66
C ASP C 225 -16.41 -7.48 14.87
N LEU C 226 -16.36 -6.93 16.08
CA LEU C 226 -16.51 -7.77 17.25
C LEU C 226 -17.94 -8.26 17.38
N LEU C 227 -18.91 -7.48 16.93
CA LEU C 227 -20.28 -7.97 16.94
C LEU C 227 -20.49 -9.06 15.90
N ARG C 228 -19.76 -9.02 14.79
CA ARG C 228 -20.03 -9.88 13.65
C ARG C 228 -19.15 -11.12 13.61
N LEU C 229 -18.04 -11.15 14.32
CA LEU C 229 -17.29 -12.39 14.43
C LEU C 229 -18.15 -13.44 15.12
N CYS C 230 -18.87 -13.05 16.15
CA CYS C 230 -19.60 -13.96 17.01
C CYS C 230 -21.00 -14.31 16.52
N ASP C 231 -21.44 -13.76 15.39
CA ASP C 231 -22.74 -14.15 14.85
C ASP C 231 -22.63 -15.55 14.25
N ARG C 232 -23.76 -16.09 13.81
CA ARG C 232 -23.84 -17.45 13.32
C ARG C 232 -23.65 -17.57 11.82
N TYR C 233 -23.36 -16.49 11.11
CA TYR C 233 -23.48 -16.40 9.67
C TYR C 233 -22.14 -16.09 9.03
N PRO C 234 -21.95 -16.42 7.73
CA PRO C 234 -20.61 -16.41 7.13
C PRO C 234 -19.89 -15.09 7.23
N LEU C 235 -18.58 -15.16 7.24
CA LEU C 235 -17.76 -13.97 7.32
C LEU C 235 -16.44 -14.28 6.65
N THR C 236 -15.89 -13.27 6.00
CA THR C 236 -14.57 -13.33 5.38
C THR C 236 -13.72 -12.24 6.00
N VAL C 237 -12.53 -12.61 6.47
CA VAL C 237 -11.60 -11.68 7.11
C VAL C 237 -10.48 -11.38 6.15
N GLU C 238 -9.86 -10.21 6.34
CA GLU C 238 -8.77 -9.79 5.48
C GLU C 238 -7.48 -10.47 5.88
N THR C 239 -6.70 -10.85 4.88
CA THR C 239 -5.30 -11.22 5.04
C THR C 239 -4.50 -10.36 4.08
N LYS C 240 -3.18 -10.34 4.25
CA LYS C 240 -2.35 -9.29 3.68
C LYS C 240 -2.21 -9.57 2.19
N GLY C 241 -3.22 -9.11 1.44
CA GLY C 241 -3.30 -9.35 0.01
C GLY C 241 -4.21 -10.49 -0.38
N GLY C 242 -5.37 -10.58 0.25
CA GLY C 242 -6.28 -11.67 -0.05
C GLY C 242 -7.43 -11.69 0.93
N THR C 243 -8.17 -12.80 0.90
CA THR C 243 -9.35 -12.99 1.74
C THR C 243 -9.43 -14.43 2.21
N VAL C 244 -9.70 -14.61 3.49
CA VAL C 244 -9.74 -15.91 4.14
C VAL C 244 -11.13 -16.08 4.75
N PRO C 245 -11.84 -17.20 4.52
CA PRO C 245 -13.13 -17.37 5.19
C PRO C 245 -12.96 -17.76 6.63
N PHE C 246 -13.80 -17.16 7.48
CA PHE C 246 -13.76 -17.37 8.92
C PHE C 246 -14.64 -18.54 9.32
N LEU C 247 -14.07 -19.49 10.08
CA LEU C 247 -14.73 -20.76 10.39
C LEU C 247 -14.58 -21.16 11.85
N ALA C 248 -14.29 -20.23 12.75
CA ALA C 248 -13.93 -20.59 14.10
C ALA C 248 -15.12 -21.18 14.85
N ARG C 249 -14.82 -21.92 15.91
CA ARG C 249 -15.82 -22.45 16.84
C ARG C 249 -15.62 -22.00 18.27
N SER C 250 -14.62 -21.18 18.56
CA SER C 250 -14.46 -20.67 19.90
C SER C 250 -13.56 -19.45 19.86
N ILE C 251 -14.04 -18.32 20.36
CA ILE C 251 -13.27 -17.09 20.38
C ILE C 251 -13.01 -16.76 21.84
N LEU C 252 -11.87 -17.19 22.37
CA LEU C 252 -11.50 -16.89 23.75
C LEU C 252 -10.94 -15.48 23.81
N ILE C 253 -11.77 -14.51 24.17
CA ILE C 253 -11.27 -13.15 24.39
C ILE C 253 -10.68 -13.11 25.78
N THR C 254 -9.47 -12.59 25.89
CA THR C 254 -8.74 -12.45 27.15
C THR C 254 -8.51 -10.98 27.42
N SER C 255 -8.89 -10.52 28.61
CA SER C 255 -8.86 -9.11 28.93
C SER C 255 -8.57 -8.90 30.40
N ASN C 256 -8.14 -7.70 30.74
CA ASN C 256 -8.02 -7.28 32.13
C ASN C 256 -9.24 -6.55 32.64
N GLN C 257 -10.12 -6.08 31.76
CA GLN C 257 -11.29 -5.29 32.11
C GLN C 257 -12.54 -6.11 31.82
N THR C 258 -13.59 -5.85 32.59
CA THR C 258 -14.88 -6.45 32.28
C THR C 258 -15.33 -5.93 30.90
N PRO C 259 -16.17 -6.70 30.17
CA PRO C 259 -16.65 -6.22 28.86
C PRO C 259 -17.31 -4.83 28.82
N LEU C 260 -17.68 -4.28 29.97
CA LEU C 260 -18.17 -2.91 29.99
C LEU C 260 -17.10 -1.94 29.51
N GLU C 261 -15.90 -2.04 30.06
CA GLU C 261 -14.86 -1.05 29.78
C GLU C 261 -14.16 -1.26 28.43
N TRP C 262 -14.64 -2.16 27.57
CA TRP C 262 -14.06 -2.28 26.24
C TRP C 262 -14.50 -1.13 25.36
N TYR C 263 -15.78 -0.78 25.39
CA TYR C 263 -16.34 0.26 24.54
C TYR C 263 -17.24 1.17 25.36
N SER C 264 -17.17 2.46 25.06
CA SER C 264 -17.99 3.44 25.74
C SER C 264 -19.45 3.31 25.29
N SER C 265 -20.36 3.40 26.27
CA SER C 265 -21.78 3.17 25.98
C SER C 265 -22.33 4.20 25.01
N THR C 266 -21.97 5.47 25.19
CA THR C 266 -22.54 6.54 24.38
C THR C 266 -22.16 6.38 22.91
N ALA C 267 -20.92 5.99 22.63
CA ALA C 267 -20.39 5.89 21.28
C ALA C 267 -20.67 4.54 20.61
N VAL C 268 -21.65 3.79 21.12
CA VAL C 268 -21.97 2.44 20.66
C VAL C 268 -23.46 2.40 20.37
N PRO C 269 -23.95 1.87 19.23
CA PRO C 269 -25.41 1.88 19.00
C PRO C 269 -26.23 1.14 20.04
N ALA C 270 -25.78 -0.04 20.47
CA ALA C 270 -26.49 -0.78 21.52
C ALA C 270 -25.51 -1.73 22.17
N VAL C 271 -25.20 -1.49 23.45
CA VAL C 271 -24.20 -2.30 24.14
C VAL C 271 -24.70 -3.70 24.43
N GLU C 272 -26.01 -3.95 24.33
CA GLU C 272 -26.52 -5.29 24.61
C GLU C 272 -26.22 -6.26 23.49
N ALA C 273 -25.86 -5.79 22.29
CA ALA C 273 -25.63 -6.69 21.17
C ALA C 273 -24.44 -7.60 21.42
N LEU C 274 -23.35 -7.08 21.98
CA LEU C 274 -22.20 -7.93 22.22
C LEU C 274 -22.48 -8.94 23.31
N TYR C 275 -23.17 -8.51 24.38
CA TYR C 275 -23.42 -9.39 25.53
C TYR C 275 -24.23 -10.62 25.13
N ARG C 276 -25.16 -10.47 24.19
CA ARG C 276 -25.97 -11.61 23.74
C ARG C 276 -25.11 -12.74 23.18
N ARG C 277 -23.94 -12.44 22.64
CA ARG C 277 -23.13 -13.43 21.96
C ARG C 277 -22.05 -14.04 22.84
N ILE C 278 -21.79 -13.48 24.02
CA ILE C 278 -20.88 -14.12 24.95
C ILE C 278 -21.49 -15.42 25.43
N THR C 279 -20.67 -16.48 25.48
CA THR C 279 -21.13 -17.77 25.95
C THR C 279 -20.87 -17.96 27.43
N SER C 280 -19.62 -17.79 27.85
CA SER C 280 -19.21 -17.96 29.24
C SER C 280 -18.33 -16.79 29.63
N LEU C 281 -18.32 -16.47 30.92
CA LEU C 281 -17.53 -15.37 31.45
C LEU C 281 -16.83 -15.87 32.71
N VAL C 282 -15.51 -16.04 32.62
CA VAL C 282 -14.67 -16.52 33.72
C VAL C 282 -13.97 -15.32 34.32
N PHE C 283 -14.02 -15.20 35.65
CA PHE C 283 -13.54 -14.03 36.38
C PHE C 283 -12.60 -14.44 37.51
N TRP C 284 -11.53 -13.66 37.70
CA TRP C 284 -10.56 -13.91 38.77
C TRP C 284 -10.95 -13.11 40.00
N LYS C 285 -11.07 -13.80 41.14
CA LYS C 285 -11.51 -13.20 42.39
C LYS C 285 -10.60 -13.61 43.54
N ASN C 286 -10.30 -12.63 44.40
CA ASN C 286 -9.77 -12.83 45.75
C ASN C 286 -8.43 -13.56 45.77
N ALA C 287 -7.67 -13.44 44.67
CA ALA C 287 -6.28 -13.92 44.59
C ALA C 287 -6.13 -15.41 44.94
N THR C 288 -7.17 -16.22 44.74
CA THR C 288 -7.09 -17.66 44.89
C THR C 288 -7.28 -18.43 43.58
N GLU C 289 -8.37 -18.19 42.86
CA GLU C 289 -8.65 -18.96 41.66
C GLU C 289 -9.81 -18.31 40.92
N GLN C 290 -9.78 -18.35 39.59
CA GLN C 290 -10.85 -17.77 38.80
C GLN C 290 -12.10 -18.64 38.78
N SER C 291 -13.24 -18.00 39.04
CA SER C 291 -14.54 -18.63 39.21
C SER C 291 -15.45 -18.23 38.07
N THR C 292 -16.15 -19.20 37.50
CA THR C 292 -17.09 -18.90 36.42
C THR C 292 -18.27 -18.11 36.95
N GLU C 293 -18.70 -17.12 36.18
CA GLU C 293 -19.88 -16.33 36.51
C GLU C 293 -21.08 -16.83 35.72
N GLU C 294 -22.26 -16.34 36.11
CA GLU C 294 -23.54 -16.72 35.51
C GLU C 294 -24.34 -15.52 35.01
N GLY C 295 -23.73 -14.35 34.88
CA GLY C 295 -24.43 -13.21 34.35
C GLY C 295 -25.43 -12.57 35.28
N GLY C 296 -25.41 -12.91 36.57
CA GLY C 296 -26.29 -12.24 37.52
C GLY C 296 -25.85 -10.84 37.85
N GLN C 297 -24.67 -10.70 38.45
CA GLN C 297 -24.16 -9.38 38.83
C GLN C 297 -23.89 -8.52 37.60
N PHE C 298 -23.32 -9.14 36.57
CA PHE C 298 -23.04 -8.44 35.32
C PHE C 298 -24.35 -8.11 34.62
N VAL C 299 -24.28 -7.20 33.66
CA VAL C 299 -25.45 -6.90 32.84
C VAL C 299 -25.71 -8.14 32.00
N THR C 300 -26.80 -8.85 32.29
CA THR C 300 -26.96 -10.23 31.86
C THR C 300 -27.06 -10.35 30.35
N LEU C 301 -26.86 -11.58 29.88
CA LEU C 301 -26.83 -11.91 28.46
C LEU C 301 -28.01 -12.80 28.07
N LEU D 119 12.20 -32.17 -5.13
CA LEU D 119 11.22 -31.30 -4.50
C LEU D 119 10.63 -31.96 -3.27
N SER D 120 10.33 -33.25 -3.38
CA SER D 120 9.83 -33.98 -2.23
C SER D 120 10.85 -34.05 -1.11
N THR D 121 12.15 -33.90 -1.41
CA THR D 121 13.15 -33.72 -0.37
C THR D 121 12.95 -32.39 0.36
N ALA D 122 12.72 -31.32 -0.41
CA ALA D 122 12.47 -30.02 0.18
C ALA D 122 11.18 -30.04 0.99
N VAL D 123 10.15 -30.67 0.44
CA VAL D 123 8.92 -30.82 1.19
C VAL D 123 9.14 -31.69 2.42
N SER D 124 10.04 -32.66 2.34
CA SER D 124 10.35 -33.44 3.55
C SER D 124 10.94 -32.54 4.62
N THR D 125 12.00 -31.81 4.28
CA THR D 125 12.65 -30.96 5.27
C THR D 125 11.78 -29.82 5.74
N LEU D 126 10.73 -29.45 4.99
CA LEU D 126 9.84 -28.38 5.40
C LEU D 126 8.70 -28.89 6.26
N LEU D 127 7.92 -29.83 5.73
CA LEU D 127 6.71 -30.24 6.41
C LEU D 127 7.02 -30.97 7.71
N GLU D 128 8.07 -31.80 7.70
CA GLU D 128 8.47 -32.54 8.90
C GLU D 128 8.80 -31.60 10.04
N SER D 129 9.60 -30.58 9.77
CA SER D 129 10.05 -29.70 10.83
C SER D 129 10.64 -28.42 10.27
N GLY D 130 10.21 -27.29 10.80
CA GLY D 130 10.91 -26.04 10.57
C GLY D 130 10.13 -25.08 9.70
N SER D 131 10.82 -24.04 9.29
CA SER D 131 10.34 -22.98 8.44
C SER D 131 11.23 -22.92 7.20
N LEU D 132 10.99 -21.92 6.36
CA LEU D 132 11.66 -21.84 5.06
C LEU D 132 13.16 -21.69 5.17
N VAL D 133 13.67 -21.20 6.30
CA VAL D 133 15.10 -20.98 6.46
C VAL D 133 15.87 -22.30 6.35
N THR D 134 15.34 -23.36 6.96
CA THR D 134 16.01 -24.65 6.90
C THR D 134 16.04 -25.20 5.48
N VAL D 135 14.97 -25.00 4.72
CA VAL D 135 14.98 -25.41 3.32
C VAL D 135 15.99 -24.60 2.54
N ALA D 136 16.04 -23.29 2.80
CA ALA D 136 17.01 -22.45 2.12
C ALA D 136 18.44 -22.89 2.43
N GLU D 137 18.67 -23.40 3.64
CA GLU D 137 20.00 -23.90 3.99
C GLU D 137 20.27 -25.31 3.52
N GLN D 138 19.24 -26.08 3.13
CA GLN D 138 19.42 -27.49 2.75
C GLN D 138 19.48 -27.72 1.24
N HIS D 139 18.48 -27.27 0.49
CA HIS D 139 18.41 -27.44 -0.96
C HIS D 139 18.08 -26.08 -1.59
N PRO D 140 19.05 -25.18 -1.69
CA PRO D 140 18.75 -23.88 -2.29
C PRO D 140 18.22 -23.95 -3.70
N VAL D 141 18.73 -24.85 -4.54
CA VAL D 141 18.31 -24.88 -5.93
C VAL D 141 16.85 -25.27 -6.08
N THR D 142 16.24 -25.89 -5.07
CA THR D 142 14.82 -26.18 -5.03
C THR D 142 14.03 -25.11 -4.27
N PHE D 143 14.69 -24.05 -3.80
CA PHE D 143 14.03 -22.92 -3.16
C PHE D 143 14.10 -21.66 -4.01
N VAL D 144 15.04 -21.55 -4.93
CA VAL D 144 14.97 -20.47 -5.89
C VAL D 144 13.74 -20.65 -6.77
N ARG D 145 13.32 -21.89 -7.00
CA ARG D 145 12.08 -22.22 -7.67
C ARG D 145 11.11 -22.79 -6.64
N ASN D 146 9.82 -22.57 -6.88
CA ASN D 146 8.74 -22.95 -5.96
C ASN D 146 8.76 -22.20 -4.62
N PHE D 147 9.28 -20.99 -4.57
CA PHE D 147 9.40 -20.33 -3.26
C PHE D 147 8.05 -19.86 -2.75
N ARG D 148 7.18 -19.35 -3.62
CA ARG D 148 5.88 -18.90 -3.14
C ARG D 148 5.02 -20.06 -2.68
N GLY D 149 5.27 -21.25 -3.20
CA GLY D 149 4.38 -22.35 -2.96
C GLY D 149 4.83 -23.12 -1.74
N LEU D 150 6.13 -23.14 -1.48
CA LEU D 150 6.58 -23.65 -0.19
C LEU D 150 6.05 -22.77 0.93
N ALA D 151 6.02 -21.45 0.72
CA ALA D 151 5.47 -20.57 1.74
C ALA D 151 4.00 -20.87 2.00
N GLU D 152 3.22 -21.09 0.94
CA GLU D 152 1.80 -21.36 1.19
C GLU D 152 1.60 -22.77 1.76
N LEU D 153 2.39 -23.75 1.34
CA LEU D 153 2.31 -25.07 1.96
C LEU D 153 2.62 -24.99 3.44
N LEU D 154 3.64 -24.23 3.80
CA LEU D 154 3.98 -24.07 5.20
C LEU D 154 2.82 -23.41 5.96
N LYS D 155 2.23 -22.36 5.40
CA LYS D 155 1.20 -21.66 6.16
C LYS D 155 -0.10 -22.46 6.23
N VAL D 156 -0.35 -23.35 5.28
CA VAL D 156 -1.58 -24.14 5.31
C VAL D 156 -1.41 -25.46 6.05
N SER D 157 -0.21 -26.04 6.06
CA SER D 157 0.03 -27.26 6.80
C SER D 157 -0.22 -27.08 8.29
N GLY D 158 0.02 -25.88 8.80
CA GLY D 158 -0.20 -25.56 10.20
C GLY D 158 1.00 -25.74 11.10
N LYS D 159 2.05 -26.41 10.63
CA LYS D 159 3.25 -26.60 11.42
C LYS D 159 4.19 -25.40 11.39
N MET D 160 3.75 -24.24 10.92
CA MET D 160 4.56 -23.03 10.99
C MET D 160 4.85 -22.72 12.44
N GLN D 161 6.15 -22.59 12.76
CA GLN D 161 6.62 -22.61 14.14
C GLN D 161 6.00 -21.50 14.96
N LYS D 162 5.21 -21.87 15.96
CA LYS D 162 4.74 -20.92 16.96
C LYS D 162 5.84 -20.74 17.99
N ARG D 163 5.59 -19.84 18.94
CA ARG D 163 6.46 -19.64 20.08
C ARG D 163 5.71 -20.02 21.35
N ASP D 164 6.23 -21.02 22.08
CA ASP D 164 5.60 -21.55 23.28
C ASP D 164 6.51 -21.52 24.50
N TRP D 165 7.55 -20.70 24.48
CA TRP D 165 8.58 -20.63 25.51
C TRP D 165 8.58 -19.22 26.11
N LYS D 166 9.54 -18.96 26.98
CA LYS D 166 9.70 -17.66 27.65
C LYS D 166 10.91 -16.98 27.06
N THR D 167 10.71 -15.74 26.62
CA THR D 167 11.76 -14.94 26.00
C THR D 167 12.40 -14.12 27.09
N ASN D 168 13.67 -14.38 27.38
CA ASN D 168 14.38 -13.59 28.36
C ASN D 168 14.52 -12.16 27.87
N VAL D 169 14.53 -11.21 28.80
CA VAL D 169 14.63 -9.78 28.46
C VAL D 169 15.75 -9.20 29.31
N HIS D 170 16.90 -8.93 28.71
CA HIS D 170 18.03 -8.33 29.42
C HIS D 170 18.08 -6.85 29.08
N VAL D 171 17.72 -6.00 30.02
CA VAL D 171 17.83 -4.57 29.81
C VAL D 171 19.28 -4.17 30.11
N ILE D 172 19.78 -3.17 29.40
CA ILE D 172 21.08 -2.56 29.67
C ILE D 172 20.89 -1.06 29.78
N VAL D 173 21.40 -0.47 30.86
CA VAL D 173 21.28 0.96 31.11
C VAL D 173 22.67 1.54 31.28
N GLY D 174 22.90 2.71 30.70
CA GLY D 174 24.16 3.39 30.85
C GLY D 174 24.22 4.68 30.04
N PRO D 175 25.04 5.64 30.48
CA PRO D 175 25.07 6.91 29.79
C PRO D 175 25.71 6.76 28.42
N PRO D 176 25.37 7.62 27.44
CA PRO D 176 25.87 7.45 26.07
C PRO D 176 27.38 7.42 25.97
N GLY D 177 27.91 6.29 25.52
CA GLY D 177 29.33 6.08 25.34
C GLY D 177 29.94 5.00 26.19
N CYS D 178 29.17 4.29 27.02
CA CYS D 178 29.72 3.33 27.96
C CYS D 178 29.90 1.94 27.36
N GLY D 179 29.94 1.83 26.04
CA GLY D 179 29.99 0.52 25.43
C GLY D 179 28.70 -0.25 25.62
N LYS D 180 27.56 0.42 25.55
CA LYS D 180 26.28 -0.25 25.67
C LYS D 180 26.10 -1.26 24.54
N SER D 181 26.09 -0.79 23.30
CA SER D 181 25.78 -1.64 22.17
C SER D 181 26.87 -2.67 21.90
N LYS D 182 28.09 -2.42 22.36
CA LYS D 182 29.16 -3.41 22.21
C LYS D 182 28.79 -4.71 22.90
N TRP D 183 28.23 -4.58 24.11
CA TRP D 183 27.76 -5.76 24.83
C TRP D 183 26.68 -6.48 24.06
N ALA D 184 25.78 -5.74 23.40
CA ALA D 184 24.71 -6.38 22.65
C ALA D 184 25.25 -7.11 21.44
N ALA D 185 26.14 -6.47 20.70
CA ALA D 185 26.71 -7.13 19.53
C ALA D 185 27.60 -8.31 19.90
N ASN D 186 28.11 -8.37 21.14
CA ASN D 186 28.88 -9.49 21.64
C ASN D 186 28.08 -10.48 22.47
N PHE D 187 26.75 -10.33 22.52
CA PHE D 187 25.93 -11.29 23.26
C PHE D 187 25.75 -12.60 22.51
N ALA D 188 25.79 -12.57 21.18
CA ALA D 188 25.62 -13.78 20.40
C ALA D 188 26.20 -13.58 19.03
N ASP D 189 26.32 -14.67 18.29
CA ASP D 189 26.93 -14.65 16.97
C ASP D 189 26.13 -13.73 16.04
N PRO D 190 26.79 -12.96 15.16
CA PRO D 190 26.02 -12.09 14.26
C PRO D 190 25.13 -12.82 13.27
N GLU D 191 25.23 -14.13 13.14
CA GLU D 191 24.30 -14.87 12.29
C GLU D 191 22.89 -14.90 12.86
N THR D 192 22.72 -14.69 14.17
CA THR D 192 21.45 -14.84 14.87
C THR D 192 21.12 -13.63 15.71
N THR D 193 21.40 -12.43 15.20
CA THR D 193 20.99 -11.18 15.85
C THR D 193 20.21 -10.35 14.86
N TYR D 194 18.97 -10.00 15.21
CA TYR D 194 18.15 -9.08 14.45
C TYR D 194 18.11 -7.77 15.21
N TRP D 195 18.72 -6.74 14.65
CA TRP D 195 18.72 -5.41 15.24
C TRP D 195 17.51 -4.67 14.72
N LYS D 196 16.49 -4.53 15.55
CA LYS D 196 15.23 -3.95 15.08
C LYS D 196 15.43 -2.51 14.63
N PRO D 197 14.91 -2.10 13.47
CA PRO D 197 14.99 -0.68 13.10
C PRO D 197 14.18 0.16 14.06
N PRO D 198 14.57 1.40 14.31
CA PRO D 198 13.91 2.19 15.36
C PRO D 198 12.64 2.84 14.87
N ARG D 199 11.80 3.19 15.84
CA ARG D 199 10.62 4.06 15.65
C ARG D 199 9.65 3.52 14.60
N ASN D 200 9.61 2.20 14.43
CA ASN D 200 8.73 1.54 13.49
C ASN D 200 8.01 0.40 14.17
N LYS D 201 6.86 0.05 13.62
CA LYS D 201 6.16 -1.17 13.97
C LYS D 201 6.53 -2.33 13.05
N TRP D 202 7.46 -2.14 12.12
CA TRP D 202 7.80 -3.13 11.12
C TRP D 202 9.00 -3.94 11.57
N TRP D 203 8.96 -5.24 11.30
CA TRP D 203 9.96 -6.21 11.68
C TRP D 203 10.64 -6.80 10.46
N ASP D 204 10.89 -5.96 9.46
CA ASP D 204 11.18 -6.45 8.12
C ASP D 204 12.51 -7.20 8.07
N GLY D 205 12.52 -8.27 7.26
CA GLY D 205 13.70 -9.09 7.09
C GLY D 205 13.93 -10.15 8.13
N TYR D 206 12.98 -10.40 9.02
CA TYR D 206 13.34 -11.16 10.22
C TYR D 206 13.52 -12.65 9.95
N HIS D 207 12.48 -13.35 9.52
CA HIS D 207 12.52 -14.76 9.12
C HIS D 207 13.11 -15.71 10.19
N GLY D 208 13.13 -15.29 11.45
CA GLY D 208 13.53 -16.01 12.64
C GLY D 208 14.99 -15.73 12.83
N GLU D 209 15.32 -15.05 13.92
CA GLU D 209 16.70 -14.68 14.28
C GLU D 209 16.66 -14.64 15.80
N GLU D 210 17.12 -15.71 16.45
CA GLU D 210 16.91 -16.02 17.85
C GLU D 210 16.97 -14.82 18.83
N VAL D 211 18.01 -14.00 18.76
CA VAL D 211 18.25 -12.94 19.72
C VAL D 211 17.95 -11.60 19.04
N VAL D 212 17.14 -10.76 19.68
CA VAL D 212 16.59 -9.54 19.10
C VAL D 212 17.02 -8.37 19.95
N VAL D 213 17.79 -7.42 19.39
CA VAL D 213 18.36 -6.36 20.22
C VAL D 213 17.69 -5.05 19.84
N ILE D 214 16.66 -4.68 20.60
CA ILE D 214 16.00 -3.40 20.41
C ILE D 214 16.98 -2.33 20.86
N ASP D 215 17.51 -1.55 19.92
CA ASP D 215 18.59 -0.64 20.21
C ASP D 215 18.09 0.69 20.78
N ASP D 216 18.72 1.13 21.88
CA ASP D 216 18.58 2.48 22.46
C ASP D 216 17.12 2.92 22.58
N PHE D 217 16.38 2.17 23.38
CA PHE D 217 14.93 2.19 23.35
C PHE D 217 14.44 3.12 24.46
N TYR D 218 14.07 4.33 24.07
CA TYR D 218 13.59 5.38 24.96
C TYR D 218 12.07 5.44 25.07
N GLY D 219 11.32 4.49 24.48
CA GLY D 219 9.87 4.49 24.59
C GLY D 219 9.09 4.52 23.29
N TRP D 220 9.69 4.07 22.19
CA TRP D 220 9.12 4.27 20.86
C TRP D 220 8.40 3.03 20.35
N LEU D 221 7.91 2.17 21.23
CA LEU D 221 7.16 0.97 20.91
C LEU D 221 5.88 0.99 21.74
N PRO D 222 4.72 0.60 21.19
CA PRO D 222 3.48 0.58 22.00
C PRO D 222 3.61 -0.30 23.23
N TRP D 223 3.02 0.17 24.34
CA TRP D 223 3.19 -0.48 25.64
C TRP D 223 2.76 -1.92 25.61
N ASP D 224 1.53 -2.19 25.15
CA ASP D 224 1.06 -3.55 25.14
C ASP D 224 1.84 -4.39 24.14
N ASP D 225 2.34 -3.77 23.06
CA ASP D 225 3.18 -4.51 22.13
C ASP D 225 4.52 -4.86 22.75
N LEU D 226 5.11 -3.95 23.53
CA LEU D 226 6.32 -4.31 24.25
C LEU D 226 6.07 -5.41 25.25
N LEU D 227 4.92 -5.39 25.92
CA LEU D 227 4.56 -6.50 26.78
C LEU D 227 4.49 -7.80 25.99
N ARG D 228 3.86 -7.76 24.81
CA ARG D 228 3.64 -9.00 24.09
C ARG D 228 4.93 -9.53 23.48
N LEU D 229 5.90 -8.68 23.17
CA LEU D 229 7.20 -9.20 22.77
C LEU D 229 7.86 -9.94 23.92
N CYS D 230 7.76 -9.42 25.13
CA CYS D 230 8.39 -10.02 26.29
C CYS D 230 7.54 -11.08 26.96
N ASP D 231 6.36 -11.39 26.43
CA ASP D 231 5.49 -12.41 27.00
C ASP D 231 5.99 -13.77 26.53
N ARG D 232 5.21 -14.82 26.79
CA ARG D 232 5.64 -16.20 26.76
C ARG D 232 4.63 -17.08 26.03
N TYR D 233 4.01 -16.56 24.98
CA TYR D 233 2.99 -17.27 24.22
C TYR D 233 3.00 -16.74 22.81
N PRO D 234 2.39 -17.46 21.85
CA PRO D 234 2.56 -17.14 20.42
C PRO D 234 2.28 -15.70 20.02
N LEU D 235 2.97 -15.26 18.98
CA LEU D 235 2.79 -13.92 18.47
C LEU D 235 3.29 -13.91 17.04
N THR D 236 2.61 -13.16 16.19
CA THR D 236 3.02 -12.93 14.81
C THR D 236 3.21 -11.42 14.63
N VAL D 237 4.45 -11.00 14.46
CA VAL D 237 4.78 -9.61 14.19
C VAL D 237 4.58 -9.29 12.74
N GLU D 238 4.56 -8.00 12.42
CA GLU D 238 4.19 -7.50 11.10
C GLU D 238 5.43 -7.05 10.33
N THR D 239 5.40 -7.25 9.02
CA THR D 239 6.45 -6.82 8.12
C THR D 239 5.81 -6.13 6.92
N LYS D 240 6.63 -5.48 6.11
CA LYS D 240 6.10 -4.62 5.06
C LYS D 240 5.50 -5.50 3.98
N GLY D 241 4.19 -5.65 4.00
CA GLY D 241 3.48 -6.47 3.04
C GLY D 241 3.33 -7.92 3.43
N GLY D 242 3.35 -8.22 4.73
CA GLY D 242 3.20 -9.60 5.16
C GLY D 242 3.28 -9.68 6.67
N THR D 243 3.45 -10.90 7.16
CA THR D 243 3.58 -11.14 8.59
C THR D 243 4.50 -12.32 8.82
N VAL D 244 5.25 -12.27 9.92
CA VAL D 244 6.37 -13.17 10.19
C VAL D 244 6.22 -13.68 11.63
N PRO D 245 6.29 -14.99 11.92
CA PRO D 245 6.03 -15.44 13.28
C PRO D 245 7.21 -15.15 14.19
N PHE D 246 6.93 -14.48 15.31
CA PHE D 246 7.98 -14.16 16.26
C PHE D 246 8.45 -15.42 16.97
N LEU D 247 9.77 -15.62 17.02
CA LEU D 247 10.36 -16.79 17.66
C LEU D 247 11.59 -16.45 18.50
N ALA D 248 11.67 -15.24 19.01
CA ALA D 248 12.89 -14.83 19.71
C ALA D 248 13.08 -15.63 20.99
N ARG D 249 14.29 -15.54 21.56
CA ARG D 249 14.60 -16.15 22.84
C ARG D 249 15.33 -15.24 23.80
N SER D 250 15.85 -14.10 23.37
CA SER D 250 16.50 -13.17 24.29
C SER D 250 16.39 -11.78 23.70
N ILE D 251 15.47 -10.97 24.21
CA ILE D 251 15.34 -9.59 23.75
C ILE D 251 16.30 -8.76 24.59
N LEU D 252 17.33 -8.18 23.98
CA LEU D 252 18.23 -7.28 24.69
C LEU D 252 17.73 -5.86 24.45
N ILE D 253 17.18 -5.23 25.47
CA ILE D 253 16.65 -3.88 25.34
C ILE D 253 17.78 -2.96 25.82
N THR D 254 18.61 -2.53 24.89
CA THR D 254 19.62 -1.52 25.21
C THR D 254 18.96 -0.17 25.33
N SER D 255 19.25 0.57 26.40
CA SER D 255 18.58 1.84 26.64
C SER D 255 19.55 2.81 27.30
N ASN D 256 19.02 3.97 27.69
CA ASN D 256 19.76 5.04 28.36
C ASN D 256 19.30 5.30 29.78
N GLN D 257 17.99 5.28 30.03
CA GLN D 257 17.42 5.50 31.35
C GLN D 257 16.99 4.18 31.95
N THR D 258 16.63 4.24 33.23
CA THR D 258 16.05 3.08 33.88
C THR D 258 14.69 2.81 33.24
N PRO D 259 14.17 1.56 33.30
CA PRO D 259 12.79 1.31 32.85
C PRO D 259 11.71 2.20 33.44
N LEU D 260 11.97 2.82 34.59
CA LEU D 260 11.02 3.73 35.21
C LEU D 260 10.87 5.06 34.47
N GLU D 261 11.71 5.32 33.45
CA GLU D 261 11.61 6.53 32.64
C GLU D 261 11.30 6.26 31.17
N TRP D 262 11.12 5.00 30.77
CA TRP D 262 10.65 4.74 29.41
C TRP D 262 9.25 5.29 29.21
N TYR D 263 8.35 4.94 30.13
CA TYR D 263 6.93 5.25 30.04
C TYR D 263 6.47 5.99 31.28
N SER D 264 5.30 6.60 31.17
CA SER D 264 4.66 7.36 32.23
C SER D 264 3.52 6.55 32.83
N SER D 265 3.38 6.62 34.15
CA SER D 265 2.29 5.91 34.82
C SER D 265 0.90 6.41 34.44
N THR D 266 0.80 7.61 33.85
CA THR D 266 -0.51 8.14 33.48
C THR D 266 -1.11 7.34 32.33
N ALA D 267 -0.34 7.08 31.29
CA ALA D 267 -0.83 6.48 30.06
C ALA D 267 -0.68 4.96 30.04
N VAL D 268 -0.48 4.34 31.20
CA VAL D 268 -0.17 2.92 31.32
C VAL D 268 -1.17 2.31 32.30
N PRO D 269 -1.72 1.10 32.08
CA PRO D 269 -2.52 0.48 33.16
C PRO D 269 -1.76 0.29 34.46
N ALA D 270 -0.63 -0.41 34.40
CA ALA D 270 0.15 -0.68 35.60
C ALA D 270 1.57 -1.01 35.20
N VAL D 271 2.53 -0.19 35.62
CA VAL D 271 3.91 -0.36 35.16
C VAL D 271 4.55 -1.65 35.68
N GLU D 272 3.98 -2.29 36.71
CA GLU D 272 4.52 -3.57 37.12
C GLU D 272 4.40 -4.63 36.04
N ALA D 273 3.40 -4.50 35.16
CA ALA D 273 3.14 -5.52 34.15
C ALA D 273 4.28 -5.71 33.16
N LEU D 274 5.20 -4.76 33.07
CA LEU D 274 6.42 -4.90 32.28
C LEU D 274 7.59 -5.38 33.13
N TYR D 275 7.75 -4.83 34.33
CA TYR D 275 8.88 -5.22 35.17
C TYR D 275 8.84 -6.68 35.55
N ARG D 276 7.66 -7.31 35.52
CA ARG D 276 7.54 -8.73 35.81
C ARG D 276 8.33 -9.60 34.85
N ARG D 277 8.69 -9.08 33.67
CA ARG D 277 9.30 -9.86 32.61
C ARG D 277 10.78 -9.57 32.38
N ILE D 278 11.33 -8.55 33.00
CA ILE D 278 12.75 -8.24 32.77
C ILE D 278 13.57 -9.30 33.47
N THR D 279 14.17 -10.23 32.71
CA THR D 279 14.86 -11.35 33.34
C THR D 279 16.07 -10.90 34.12
N SER D 280 17.02 -10.24 33.45
CA SER D 280 18.19 -9.66 34.08
C SER D 280 18.21 -8.17 33.76
N LEU D 281 19.09 -7.45 34.45
CA LEU D 281 19.16 -6.00 34.29
C LEU D 281 20.57 -5.56 34.63
N VAL D 282 21.37 -5.28 33.62
CA VAL D 282 22.72 -4.75 33.81
C VAL D 282 22.64 -3.24 33.86
N PHE D 283 23.44 -2.64 34.74
CA PHE D 283 23.46 -1.21 34.98
C PHE D 283 24.89 -0.72 34.88
N TRP D 284 25.03 0.58 34.61
CA TRP D 284 26.31 1.27 34.63
C TRP D 284 26.27 2.25 35.79
N LYS D 285 27.25 2.13 36.67
CA LYS D 285 27.50 3.02 37.80
C LYS D 285 28.91 3.58 37.62
N ASN D 286 29.38 4.35 38.61
CA ASN D 286 30.64 5.10 38.48
C ASN D 286 31.82 4.14 38.64
N ALA D 287 31.95 3.26 37.66
CA ALA D 287 32.97 2.23 37.64
C ALA D 287 33.00 1.65 36.23
N THR D 288 34.21 1.40 35.74
CA THR D 288 34.38 0.95 34.36
C THR D 288 33.69 -0.38 34.06
N GLU D 289 33.39 -1.17 35.08
CA GLU D 289 32.66 -2.41 34.89
C GLU D 289 31.16 -2.15 34.75
N GLN D 290 30.45 -3.12 34.19
CA GLN D 290 29.00 -3.16 34.18
C GLN D 290 28.56 -4.23 35.17
N SER D 291 27.79 -3.83 36.17
CA SER D 291 27.40 -4.69 37.29
C SER D 291 25.93 -5.05 37.19
N THR D 292 25.63 -6.35 37.19
CA THR D 292 24.27 -6.83 37.21
C THR D 292 23.54 -6.32 38.45
N GLU D 293 22.21 -6.38 38.41
CA GLU D 293 21.36 -5.91 39.51
C GLU D 293 20.71 -7.09 40.22
N GLU D 294 21.03 -7.24 41.50
CA GLU D 294 20.56 -8.35 42.32
C GLU D 294 19.19 -7.98 42.87
N GLY D 295 18.14 -8.48 42.24
CA GLY D 295 16.81 -8.10 42.63
C GLY D 295 16.58 -6.66 42.22
N GLY D 296 15.66 -6.03 42.93
CA GLY D 296 15.36 -4.62 42.71
C GLY D 296 15.46 -3.77 43.95
N GLN D 297 16.41 -2.82 43.92
CA GLN D 297 16.32 -1.66 44.80
C GLN D 297 15.07 -0.85 44.46
N PHE D 298 14.81 -0.67 43.17
CA PHE D 298 13.53 -0.19 42.68
C PHE D 298 12.61 -1.40 42.56
N VAL D 299 11.44 -1.22 41.93
CA VAL D 299 10.38 -2.24 41.86
C VAL D 299 10.93 -3.57 41.36
N THR D 300 10.48 -4.67 41.97
CA THR D 300 11.12 -5.97 41.79
C THR D 300 10.69 -6.65 40.51
N LEU D 301 11.63 -7.37 39.90
CA LEU D 301 11.50 -7.97 38.57
C LEU D 301 11.54 -9.50 38.64
N LEU E 119 20.81 -23.29 -12.91
CA LEU E 119 21.22 -22.11 -12.16
C LEU E 119 22.05 -22.47 -10.94
N SER E 120 22.66 -23.67 -10.95
CA SER E 120 23.43 -24.13 -9.80
C SER E 120 24.57 -23.19 -9.47
N THR E 121 25.28 -22.71 -10.49
CA THR E 121 26.37 -21.77 -10.25
C THR E 121 25.84 -20.47 -9.67
N ALA E 122 24.66 -20.04 -10.11
CA ALA E 122 24.11 -18.76 -9.67
C ALA E 122 23.84 -18.75 -8.18
N VAL E 123 23.31 -19.85 -7.65
CA VAL E 123 23.03 -19.91 -6.22
C VAL E 123 24.33 -19.87 -5.41
N SER E 124 25.33 -20.66 -5.82
CA SER E 124 26.59 -20.70 -5.08
C SER E 124 27.31 -19.37 -5.15
N THR E 125 27.14 -18.62 -6.24
CA THR E 125 27.72 -17.29 -6.33
C THR E 125 26.91 -16.27 -5.52
N LEU E 126 25.60 -16.46 -5.41
CA LEU E 126 24.79 -15.51 -4.66
C LEU E 126 24.99 -15.66 -3.17
N LEU E 127 25.11 -16.89 -2.68
CA LEU E 127 25.26 -17.09 -1.25
C LEU E 127 26.59 -16.61 -0.70
N GLU E 128 27.57 -16.32 -1.56
CA GLU E 128 28.89 -15.86 -1.14
C GLU E 128 29.03 -14.35 -1.24
N SER E 129 28.79 -13.79 -2.42
CA SER E 129 28.91 -12.34 -2.59
C SER E 129 27.77 -11.57 -1.96
N GLY E 130 26.56 -12.14 -1.98
CA GLY E 130 25.43 -11.51 -1.33
C GLY E 130 24.99 -10.22 -1.97
N SER E 131 25.01 -10.13 -3.29
CA SER E 131 24.51 -8.96 -4.01
C SER E 131 23.96 -9.41 -5.35
N LEU E 132 22.68 -9.13 -5.59
CA LEU E 132 22.03 -9.57 -6.82
C LEU E 132 22.70 -8.97 -8.06
N VAL E 133 23.25 -7.77 -7.93
CA VAL E 133 23.89 -7.11 -9.06
C VAL E 133 25.08 -7.93 -9.54
N THR E 134 25.85 -8.47 -8.59
CA THR E 134 26.96 -9.34 -8.95
C THR E 134 26.48 -10.60 -9.65
N VAL E 135 25.36 -11.17 -9.20
CA VAL E 135 24.83 -12.36 -9.85
C VAL E 135 24.43 -12.05 -11.28
N ALA E 136 23.77 -10.90 -11.49
CA ALA E 136 23.36 -10.51 -12.82
C ALA E 136 24.57 -10.30 -13.73
N GLU E 137 25.58 -9.61 -13.22
CA GLU E 137 26.75 -9.30 -14.04
C GLU E 137 27.56 -10.55 -14.35
N GLN E 138 27.77 -11.41 -13.37
CA GLN E 138 28.49 -12.65 -13.61
C GLN E 138 27.65 -13.71 -14.32
N HIS E 139 26.33 -13.55 -14.36
CA HIS E 139 25.45 -14.51 -15.03
C HIS E 139 24.23 -13.76 -15.53
N PRO E 140 24.24 -13.29 -16.78
CA PRO E 140 23.03 -12.61 -17.27
C PRO E 140 21.87 -13.55 -17.50
N VAL E 141 22.12 -14.73 -18.08
CA VAL E 141 21.02 -15.50 -18.65
C VAL E 141 20.16 -16.09 -17.56
N THR E 142 20.78 -16.70 -16.55
CA THR E 142 20.03 -17.36 -15.50
C THR E 142 19.47 -16.40 -14.46
N PHE E 143 19.69 -15.09 -14.62
CA PHE E 143 19.03 -14.08 -13.81
C PHE E 143 17.84 -13.47 -14.51
N VAL E 144 17.77 -13.56 -15.84
CA VAL E 144 16.56 -13.14 -16.54
C VAL E 144 15.38 -14.00 -16.12
N ARG E 145 15.61 -15.31 -16.01
CA ARG E 145 14.68 -16.19 -15.34
C ARG E 145 15.09 -16.33 -13.89
N ASN E 146 14.11 -16.58 -13.03
CA ASN E 146 14.35 -16.75 -11.59
C ASN E 146 14.93 -15.49 -10.95
N PHE E 147 14.49 -14.32 -11.38
CA PHE E 147 14.95 -13.11 -10.73
C PHE E 147 14.25 -12.88 -9.39
N ARG E 148 12.99 -13.28 -9.26
CA ARG E 148 12.30 -13.13 -7.98
C ARG E 148 12.81 -14.14 -6.98
N GLY E 149 13.03 -15.37 -7.44
CA GLY E 149 13.46 -16.42 -6.55
C GLY E 149 14.81 -16.13 -5.91
N LEU E 150 15.73 -15.57 -6.69
CA LEU E 150 17.02 -15.20 -6.11
C LEU E 150 16.86 -14.15 -5.02
N ALA E 151 15.95 -13.19 -5.23
CA ALA E 151 15.68 -12.21 -4.19
C ALA E 151 15.17 -12.87 -2.92
N GLU E 152 14.22 -13.80 -3.05
CA GLU E 152 13.70 -14.45 -1.85
C GLU E 152 14.75 -15.35 -1.19
N LEU E 153 15.58 -16.02 -1.99
CA LEU E 153 16.64 -16.84 -1.41
C LEU E 153 17.62 -15.99 -0.62
N LEU E 154 18.02 -14.85 -1.18
CA LEU E 154 18.91 -13.94 -0.45
C LEU E 154 18.24 -13.47 0.83
N LYS E 155 16.98 -13.06 0.73
CA LYS E 155 16.30 -12.46 1.87
C LYS E 155 16.08 -13.45 3.00
N VAL E 156 15.93 -14.74 2.68
CA VAL E 156 15.61 -15.76 3.68
C VAL E 156 16.85 -16.45 4.22
N SER E 157 17.83 -16.76 3.36
CA SER E 157 18.99 -17.52 3.81
C SER E 157 19.86 -16.80 4.83
N GLY E 158 19.67 -15.50 5.01
CA GLY E 158 20.65 -14.69 5.70
C GLY E 158 21.72 -14.29 4.71
N LYS E 159 22.94 -14.12 5.21
CA LYS E 159 24.10 -13.73 4.41
C LYS E 159 23.94 -12.36 3.74
N MET E 160 22.93 -11.57 4.12
CA MET E 160 22.79 -10.24 3.57
C MET E 160 23.86 -9.34 4.15
N GLN E 161 24.45 -8.50 3.31
CA GLN E 161 25.58 -7.70 3.75
C GLN E 161 25.10 -6.65 4.74
N LYS E 162 25.47 -6.83 6.00
CA LYS E 162 25.09 -5.95 7.10
C LYS E 162 26.29 -5.16 7.57
N ARG E 163 26.04 -3.98 8.12
CA ARG E 163 27.12 -3.10 8.55
C ARG E 163 27.78 -3.63 9.82
N ASP E 164 29.10 -3.79 9.79
CA ASP E 164 29.89 -4.22 10.93
C ASP E 164 31.16 -3.39 11.11
N TRP E 165 31.20 -2.18 10.56
CA TRP E 165 32.37 -1.30 10.53
C TRP E 165 31.92 0.01 11.13
N LYS E 166 32.73 1.06 11.07
CA LYS E 166 32.37 2.39 11.54
C LYS E 166 32.19 3.29 10.34
N THR E 167 31.11 4.07 10.35
CA THR E 167 30.88 5.06 9.33
C THR E 167 31.63 6.34 9.66
N ASN E 168 32.30 6.91 8.66
CA ASN E 168 33.20 8.05 8.85
C ASN E 168 32.50 9.35 8.45
N VAL E 169 31.94 10.03 9.44
CA VAL E 169 31.22 11.28 9.21
C VAL E 169 32.22 12.37 8.84
N HIS E 170 31.95 13.11 7.78
CA HIS E 170 32.77 14.26 7.36
C HIS E 170 31.88 15.49 7.25
N VAL E 171 31.71 16.23 8.33
CA VAL E 171 30.87 17.42 8.29
C VAL E 171 31.57 18.50 7.48
N ILE E 172 30.87 19.04 6.48
CA ILE E 172 31.32 20.17 5.69
C ILE E 172 30.37 21.33 5.95
N VAL E 173 30.92 22.47 6.36
CA VAL E 173 30.14 23.60 6.82
C VAL E 173 30.72 24.89 6.27
N GLY E 174 29.83 25.80 5.86
CA GLY E 174 30.20 27.15 5.55
C GLY E 174 29.00 27.92 5.03
N PRO E 175 29.13 29.23 4.82
CA PRO E 175 28.01 30.00 4.30
C PRO E 175 27.74 29.64 2.84
N PRO E 176 26.54 29.92 2.33
CA PRO E 176 26.17 29.42 1.00
C PRO E 176 27.05 29.97 -0.11
N GLY E 177 27.05 29.26 -1.24
CA GLY E 177 27.78 29.67 -2.42
C GLY E 177 29.26 29.40 -2.40
N CYS E 178 29.79 28.78 -1.35
CA CYS E 178 31.21 28.51 -1.21
C CYS E 178 31.59 27.12 -1.68
N GLY E 179 30.78 26.50 -2.54
CA GLY E 179 31.07 25.16 -2.98
C GLY E 179 30.98 24.13 -1.88
N LYS E 180 29.91 24.19 -1.07
CA LYS E 180 29.67 23.12 -0.13
C LYS E 180 29.40 21.83 -0.87
N SER E 181 28.55 21.89 -1.90
CA SER E 181 28.20 20.70 -2.66
C SER E 181 29.32 20.29 -3.60
N LYS E 182 30.15 21.24 -4.03
CA LYS E 182 31.26 20.93 -4.92
C LYS E 182 32.19 19.90 -4.31
N TRP E 183 32.59 20.13 -3.06
CA TRP E 183 33.41 19.14 -2.38
C TRP E 183 32.60 17.91 -2.01
N ALA E 184 31.27 18.02 -1.91
CA ALA E 184 30.48 16.84 -1.62
C ALA E 184 30.53 15.84 -2.77
N ALA E 185 30.27 16.31 -3.99
CA ALA E 185 30.38 15.44 -5.14
C ALA E 185 31.81 15.19 -5.57
N ASN E 186 32.77 15.96 -5.07
CA ASN E 186 34.17 15.70 -5.39
C ASN E 186 34.62 14.36 -4.82
N PHE E 187 34.12 13.98 -3.65
CA PHE E 187 34.49 12.74 -2.98
C PHE E 187 34.15 11.57 -3.89
N ALA E 188 35.19 10.85 -4.33
CA ALA E 188 35.02 9.88 -5.40
C ALA E 188 34.09 8.74 -4.96
N ASP E 189 33.25 8.21 -5.86
CA ASP E 189 33.11 8.51 -7.30
C ASP E 189 31.90 9.43 -7.47
N PRO E 190 31.76 10.07 -8.64
CA PRO E 190 30.45 10.65 -8.96
C PRO E 190 29.32 9.63 -9.08
N GLU E 191 29.63 8.33 -9.22
CA GLU E 191 28.63 7.30 -9.41
C GLU E 191 28.14 6.72 -8.08
N THR E 192 29.06 6.28 -7.23
CA THR E 192 28.72 5.55 -6.00
C THR E 192 28.54 6.52 -4.82
N THR E 193 27.55 7.39 -4.94
CA THR E 193 27.27 8.40 -3.92
C THR E 193 25.76 8.56 -3.88
N TYR E 194 25.10 7.93 -2.90
CA TYR E 194 23.69 8.19 -2.71
C TYR E 194 23.52 9.61 -2.19
N TRP E 195 22.57 10.34 -2.73
CA TRP E 195 22.24 11.69 -2.29
C TRP E 195 20.90 11.60 -1.56
N LYS E 196 20.94 11.86 -0.26
CA LYS E 196 19.76 11.66 0.58
C LYS E 196 18.67 12.65 0.16
N PRO E 197 17.42 12.20 -0.08
CA PRO E 197 16.35 13.15 -0.42
C PRO E 197 16.15 14.17 0.70
N PRO E 198 15.84 15.43 0.40
CA PRO E 198 15.78 16.41 1.47
C PRO E 198 14.52 16.27 2.32
N ARG E 199 14.63 16.70 3.57
CA ARG E 199 13.50 16.90 4.50
C ARG E 199 12.66 15.64 4.72
N ASN E 200 13.17 14.46 4.38
CA ASN E 200 12.37 13.25 4.24
C ASN E 200 12.90 12.16 5.15
N LYS E 201 12.13 11.07 5.21
CA LYS E 201 12.44 9.91 6.03
C LYS E 201 12.90 8.72 5.20
N TRP E 202 12.48 8.63 3.95
CA TRP E 202 12.67 7.42 3.16
C TRP E 202 13.97 7.46 2.38
N TRP E 203 14.79 6.45 2.57
CA TRP E 203 16.03 6.26 1.85
C TRP E 203 15.79 5.54 0.53
N ASP E 204 14.89 6.08 -0.30
CA ASP E 204 14.41 5.28 -1.41
C ASP E 204 15.49 5.06 -2.46
N GLY E 205 15.49 3.86 -3.02
CA GLY E 205 16.30 3.56 -4.18
C GLY E 205 17.76 3.38 -3.88
N TYR E 206 18.13 3.25 -2.60
CA TYR E 206 19.53 3.33 -2.23
C TYR E 206 20.35 2.19 -2.83
N HIS E 207 19.88 0.96 -2.70
CA HIS E 207 20.32 -0.23 -3.44
C HIS E 207 21.73 -0.73 -3.13
N GLY E 208 22.47 -0.03 -2.28
CA GLY E 208 23.74 -0.38 -1.67
C GLY E 208 24.68 0.64 -2.30
N GLU E 209 25.11 1.66 -1.58
CA GLU E 209 26.25 2.49 -1.91
C GLU E 209 27.27 2.39 -0.80
N GLU E 210 28.37 3.12 -0.96
CA GLU E 210 29.37 3.29 0.09
C GLU E 210 29.47 4.70 0.62
N VAL E 211 29.11 5.72 -0.16
CA VAL E 211 29.12 7.13 0.24
C VAL E 211 27.69 7.66 0.24
N VAL E 212 27.31 8.31 1.33
CA VAL E 212 26.00 8.94 1.52
C VAL E 212 26.25 10.40 1.78
N VAL E 213 25.74 11.29 0.93
CA VAL E 213 25.97 12.73 1.12
C VAL E 213 24.62 13.35 1.45
N ILE E 214 24.36 13.53 2.74
CA ILE E 214 23.24 14.33 3.21
C ILE E 214 23.57 15.78 2.89
N ASP E 215 22.88 16.38 1.94
CA ASP E 215 23.18 17.75 1.54
C ASP E 215 22.30 18.77 2.25
N ASP E 216 22.90 19.94 2.52
CA ASP E 216 22.23 21.15 3.00
C ASP E 216 21.36 20.85 4.23
N PHE E 217 22.02 20.30 5.24
CA PHE E 217 21.37 19.89 6.48
C PHE E 217 21.09 21.11 7.34
N TYR E 218 20.02 21.04 8.17
CA TYR E 218 19.40 21.82 9.25
C TYR E 218 19.00 21.04 10.48
N GLY E 219 18.95 19.71 10.44
CA GLY E 219 18.49 18.91 11.57
C GLY E 219 17.22 18.12 11.26
N TRP E 220 16.92 17.91 9.97
CA TRP E 220 15.60 17.38 9.61
C TRP E 220 15.49 15.91 9.97
N LEU E 221 16.58 15.17 9.87
CA LEU E 221 16.56 13.80 10.38
C LEU E 221 16.41 13.84 11.90
N PRO E 222 15.58 12.97 12.49
CA PRO E 222 15.47 12.97 13.95
C PRO E 222 16.81 12.69 14.60
N TRP E 223 17.06 13.35 15.73
CA TRP E 223 18.35 13.32 16.40
C TRP E 223 18.80 11.91 16.70
N ASP E 224 17.87 11.05 17.08
CA ASP E 224 18.26 9.67 17.36
C ASP E 224 18.64 8.93 16.09
N ASP E 225 17.92 9.20 14.99
CA ASP E 225 18.27 8.54 13.73
C ASP E 225 19.64 8.96 13.25
N LEU E 226 20.03 10.22 13.47
CA LEU E 226 21.36 10.66 13.10
C LEU E 226 22.40 10.13 14.06
N LEU E 227 22.08 10.00 15.34
CA LEU E 227 23.00 9.32 16.24
C LEU E 227 23.20 7.87 15.85
N ARG E 228 22.22 7.25 15.21
CA ARG E 228 22.31 5.85 14.83
C ARG E 228 22.90 5.61 13.46
N LEU E 229 22.81 6.58 12.54
CA LEU E 229 23.46 6.38 11.26
C LEU E 229 24.97 6.32 11.38
N CYS E 230 25.53 6.94 12.42
CA CYS E 230 26.97 7.08 12.58
C CYS E 230 27.54 6.16 13.65
N ASP E 231 26.81 5.10 14.02
CA ASP E 231 27.29 4.10 14.97
C ASP E 231 27.96 2.99 14.16
N ARG E 232 28.31 1.87 14.82
CA ARG E 232 29.21 0.85 14.30
C ARG E 232 28.52 -0.49 14.16
N TYR E 233 27.20 -0.51 14.01
CA TYR E 233 26.39 -1.71 14.15
C TYR E 233 25.33 -1.70 13.05
N PRO E 234 24.76 -2.86 12.72
CA PRO E 234 23.81 -2.92 11.61
C PRO E 234 22.58 -2.06 11.82
N LEU E 235 21.99 -1.66 10.70
CA LEU E 235 20.83 -0.80 10.70
C LEU E 235 20.05 -1.14 9.45
N THR E 236 18.77 -0.78 9.45
CA THR E 236 17.87 -1.03 8.32
C THR E 236 17.07 0.24 8.08
N VAL E 237 17.35 0.91 6.97
CA VAL E 237 16.66 2.15 6.63
C VAL E 237 15.36 1.84 5.91
N GLU E 238 14.48 2.85 5.85
CA GLU E 238 13.14 2.70 5.31
C GLU E 238 13.11 3.16 3.86
N THR E 239 12.40 2.42 3.02
CA THR E 239 12.15 2.79 1.64
C THR E 239 10.66 2.58 1.35
N LYS E 240 10.13 3.33 0.39
CA LYS E 240 8.68 3.43 0.27
C LYS E 240 8.19 2.13 -0.37
N GLY E 241 7.99 1.14 0.49
CA GLY E 241 7.61 -0.20 0.08
C GLY E 241 8.45 -1.29 0.71
N GLY E 242 9.29 -0.96 1.68
CA GLY E 242 10.15 -1.95 2.28
C GLY E 242 11.27 -1.29 3.07
N THR E 243 12.33 -2.05 3.30
CA THR E 243 13.52 -1.55 3.96
C THR E 243 14.73 -2.12 3.25
N VAL E 244 15.81 -1.35 3.24
CA VAL E 244 17.05 -1.71 2.54
C VAL E 244 18.18 -1.62 3.56
N PRO E 245 19.08 -2.61 3.67
CA PRO E 245 20.17 -2.49 4.65
C PRO E 245 21.03 -1.28 4.35
N PHE E 246 21.49 -0.63 5.40
CA PHE E 246 22.30 0.58 5.32
C PHE E 246 23.73 0.18 5.60
N LEU E 247 24.57 0.19 4.56
CA LEU E 247 25.98 -0.16 4.67
C LEU E 247 26.76 0.94 3.99
N ALA E 248 27.15 1.95 4.77
CA ALA E 248 27.85 3.13 4.30
C ALA E 248 29.13 3.29 5.09
N ARG E 249 30.15 3.84 4.42
CA ARG E 249 31.45 4.05 5.04
C ARG E 249 31.80 5.51 5.28
N SER E 250 30.99 6.45 4.79
CA SER E 250 31.24 7.85 5.12
C SER E 250 29.99 8.66 4.80
N ILE E 251 29.54 9.46 5.76
CA ILE E 251 28.31 10.23 5.62
C ILE E 251 28.71 11.70 5.57
N LEU E 252 28.87 12.24 4.37
CA LEU E 252 29.30 13.64 4.20
C LEU E 252 28.14 14.58 4.51
N ILE E 253 28.08 15.09 5.73
CA ILE E 253 26.96 15.93 6.16
C ILE E 253 27.34 17.35 5.79
N THR E 254 27.04 17.74 4.56
CA THR E 254 27.15 19.15 4.16
C THR E 254 26.16 19.96 4.96
N SER E 255 26.55 21.16 5.36
CA SER E 255 25.66 22.00 6.16
C SER E 255 25.97 23.46 5.90
N ASN E 256 25.40 24.33 6.73
CA ASN E 256 25.68 25.76 6.72
C ASN E 256 26.11 26.26 8.07
N GLN E 257 25.61 25.66 9.14
CA GLN E 257 26.04 25.96 10.50
C GLN E 257 27.02 24.90 10.97
N THR E 258 27.66 25.19 12.10
CA THR E 258 28.47 24.20 12.76
C THR E 258 27.56 23.11 13.32
N PRO E 259 28.11 21.93 13.64
CA PRO E 259 27.30 20.92 14.35
C PRO E 259 26.75 21.35 15.71
N LEU E 260 27.12 22.52 16.25
CA LEU E 260 26.62 22.94 17.54
C LEU E 260 25.16 23.36 17.47
N GLU E 261 24.77 24.06 16.39
CA GLU E 261 23.46 24.67 16.29
C GLU E 261 22.53 23.93 15.31
N TRP E 262 22.83 22.67 14.98
CA TRP E 262 21.90 21.89 14.19
C TRP E 262 20.60 21.67 14.93
N TYR E 263 20.67 21.38 16.22
CA TYR E 263 19.51 21.23 17.08
C TYR E 263 19.62 22.21 18.23
N SER E 264 18.45 22.54 18.80
CA SER E 264 18.41 23.45 19.92
C SER E 264 19.20 22.88 21.10
N SER E 265 19.75 23.77 21.92
CA SER E 265 20.59 23.34 23.02
C SER E 265 19.82 22.48 24.03
N THR E 266 18.58 22.88 24.34
CA THR E 266 17.78 22.15 25.32
C THR E 266 17.01 20.97 24.72
N ALA E 267 16.60 21.07 23.44
CA ALA E 267 15.77 20.02 22.86
C ALA E 267 16.49 18.68 22.79
N VAL E 268 17.80 18.69 22.65
CA VAL E 268 18.59 17.47 22.62
C VAL E 268 18.73 16.93 24.04
N PRO E 269 18.40 15.66 24.33
CA PRO E 269 18.54 15.17 25.70
C PRO E 269 19.83 14.46 26.07
N ALA E 270 20.76 14.20 25.14
CA ALA E 270 21.86 13.29 25.50
C ALA E 270 22.98 13.98 26.29
N VAL E 271 23.65 15.01 25.76
CA VAL E 271 23.53 15.64 24.44
C VAL E 271 24.80 15.47 23.59
N GLU E 272 25.91 15.03 24.19
CA GLU E 272 27.19 14.89 23.50
C GLU E 272 27.39 13.48 22.97
N ALA E 273 26.55 13.10 22.02
CA ALA E 273 26.67 11.85 21.30
C ALA E 273 26.84 12.01 19.80
N LEU E 274 26.52 13.17 19.23
CA LEU E 274 26.83 13.47 17.85
C LEU E 274 28.24 14.01 17.70
N TYR E 275 28.66 14.90 18.61
CA TYR E 275 30.00 15.53 18.55
C TYR E 275 31.12 14.56 18.94
N ARG E 276 30.84 13.27 19.18
CA ARG E 276 31.82 12.21 19.35
C ARG E 276 32.22 11.62 18.00
N ARG E 277 31.23 11.32 17.18
CA ARG E 277 31.41 10.48 16.01
C ARG E 277 31.79 11.27 14.76
N ILE E 278 31.96 12.59 14.86
CA ILE E 278 32.24 13.42 13.69
C ILE E 278 33.71 13.21 13.33
N THR E 279 33.98 12.37 12.33
CA THR E 279 35.35 11.93 12.10
C THR E 279 36.24 13.04 11.56
N SER E 280 35.75 13.79 10.58
CA SER E 280 36.47 14.94 10.01
C SER E 280 35.65 16.19 10.26
N LEU E 281 36.15 17.33 9.80
CA LEU E 281 35.37 18.56 9.81
C LEU E 281 36.09 19.56 8.92
N VAL E 282 35.35 20.29 8.09
CA VAL E 282 35.91 21.35 7.27
C VAL E 282 35.01 22.57 7.34
N PHE E 283 35.58 23.72 7.69
CA PHE E 283 34.90 25.01 7.72
C PHE E 283 35.15 25.72 6.39
N TRP E 284 34.73 26.99 6.31
CA TRP E 284 35.10 27.87 5.21
C TRP E 284 35.45 29.21 5.80
N LYS E 285 36.70 29.60 5.64
CA LYS E 285 37.24 30.86 6.18
C LYS E 285 36.89 32.01 5.25
N ASN E 286 37.47 33.18 5.48
CA ASN E 286 36.91 34.43 4.96
C ASN E 286 37.22 34.53 3.47
N ALA E 287 36.35 33.86 2.69
CA ALA E 287 36.33 33.91 1.23
C ALA E 287 37.68 33.57 0.61
N THR E 288 38.45 32.70 1.26
CA THR E 288 39.78 32.30 0.78
C THR E 288 39.86 30.84 0.38
N GLU E 289 39.47 29.90 1.25
CA GLU E 289 39.59 28.48 0.96
C GLU E 289 38.95 27.68 2.10
N GLN E 290 38.78 26.39 1.87
CA GLN E 290 38.25 25.46 2.87
C GLN E 290 39.41 24.95 3.72
N SER E 291 39.48 25.43 4.96
CA SER E 291 40.52 25.07 5.91
C SER E 291 40.00 23.97 6.83
N THR E 292 40.67 22.82 6.83
CA THR E 292 40.29 21.72 7.71
C THR E 292 40.33 22.17 9.16
N GLU E 293 39.20 22.13 9.84
CA GLU E 293 39.16 22.52 11.23
C GLU E 293 39.99 21.56 12.07
N GLU E 294 40.73 22.12 13.01
CA GLU E 294 41.68 21.31 13.78
C GLU E 294 40.97 20.40 14.78
N GLY E 295 39.72 20.69 15.12
CA GLY E 295 38.92 19.81 15.95
C GLY E 295 39.14 19.94 17.44
N GLY E 296 40.13 20.73 17.88
CA GLY E 296 40.43 20.86 19.29
C GLY E 296 39.65 21.97 19.98
N GLN E 297 39.37 23.05 19.25
CA GLN E 297 38.72 24.22 19.84
C GLN E 297 37.34 23.85 20.37
N PHE E 298 36.59 23.11 19.60
CA PHE E 298 35.23 22.73 19.97
C PHE E 298 35.32 21.57 20.97
N VAL E 299 34.18 20.99 21.32
CA VAL E 299 34.19 19.72 22.03
C VAL E 299 34.84 18.67 21.14
N THR E 300 35.60 17.77 21.74
CA THR E 300 36.44 16.85 20.98
C THR E 300 35.60 15.86 20.17
N LEU E 301 36.20 15.37 19.10
CA LEU E 301 35.53 14.53 18.11
C LEU E 301 35.93 13.06 18.25
N LEU F 119 16.00 -15.66 -25.99
CA LEU F 119 16.94 -16.70 -25.60
C LEU F 119 18.24 -16.05 -25.12
N SER F 120 19.37 -16.73 -25.30
CA SER F 120 20.66 -16.17 -24.93
C SER F 120 20.97 -14.91 -25.73
N THR F 121 20.59 -14.89 -27.01
CA THR F 121 20.93 -13.75 -27.84
C THR F 121 20.11 -12.52 -27.48
N ALA F 122 18.99 -12.69 -26.77
CA ALA F 122 18.27 -11.53 -26.26
C ALA F 122 19.12 -10.75 -25.27
N VAL F 123 19.79 -11.44 -24.36
CA VAL F 123 20.64 -10.73 -23.39
C VAL F 123 21.83 -10.12 -24.12
N SER F 124 22.33 -10.81 -25.14
CA SER F 124 23.43 -10.28 -25.94
C SER F 124 23.03 -8.97 -26.62
N THR F 125 21.81 -8.90 -27.13
CA THR F 125 21.33 -7.68 -27.76
C THR F 125 20.85 -6.63 -26.76
N LEU F 126 20.60 -7.03 -25.50
CA LEU F 126 20.22 -6.05 -24.49
C LEU F 126 21.44 -5.37 -23.91
N LEU F 127 22.48 -6.13 -23.59
CA LEU F 127 23.67 -5.54 -23.00
C LEU F 127 24.43 -4.63 -23.95
N GLU F 128 24.14 -4.65 -25.25
CA GLU F 128 24.74 -3.75 -26.22
C GLU F 128 23.77 -2.71 -26.76
N SER F 129 22.57 -2.59 -26.17
CA SER F 129 21.61 -1.54 -26.51
C SER F 129 21.35 -0.59 -25.36
N GLY F 130 21.01 -1.09 -24.19
CA GLY F 130 20.58 -0.26 -23.09
C GLY F 130 19.11 0.17 -23.15
N SER F 131 18.36 -0.29 -24.15
CA SER F 131 16.94 0.03 -24.31
C SER F 131 16.17 -1.23 -24.64
N LEU F 132 15.01 -1.41 -23.99
CA LEU F 132 14.19 -2.58 -24.27
C LEU F 132 13.52 -2.52 -25.63
N VAL F 133 13.34 -1.32 -26.18
CA VAL F 133 12.57 -1.15 -27.42
C VAL F 133 13.23 -1.92 -28.56
N THR F 134 14.54 -1.77 -28.71
CA THR F 134 15.24 -2.51 -29.76
C THR F 134 15.19 -4.01 -29.50
N VAL F 135 15.24 -4.42 -28.23
CA VAL F 135 15.14 -5.84 -27.89
C VAL F 135 13.82 -6.40 -28.38
N ALA F 136 12.75 -5.63 -28.18
CA ALA F 136 11.45 -6.07 -28.65
C ALA F 136 11.38 -6.05 -30.16
N GLU F 137 11.98 -5.04 -30.79
CA GLU F 137 11.92 -4.92 -32.25
C GLU F 137 12.63 -6.08 -32.94
N GLN F 138 13.88 -6.32 -32.56
CA GLN F 138 14.69 -7.32 -33.28
C GLN F 138 14.26 -8.73 -32.92
N HIS F 139 14.02 -8.98 -31.64
CA HIS F 139 13.71 -10.32 -31.12
C HIS F 139 12.46 -10.19 -30.28
N PRO F 140 11.29 -10.13 -30.90
CA PRO F 140 10.05 -10.05 -30.12
C PRO F 140 9.63 -11.38 -29.54
N VAL F 141 9.93 -12.47 -30.25
CA VAL F 141 9.38 -13.79 -29.90
C VAL F 141 9.82 -14.20 -28.50
N THR F 142 11.07 -13.90 -28.14
CA THR F 142 11.57 -14.14 -26.79
C THR F 142 11.43 -12.93 -25.88
N PHE F 143 10.70 -11.89 -26.32
CA PHE F 143 10.24 -10.83 -25.46
C PHE F 143 8.79 -11.02 -25.04
N VAL F 144 8.00 -11.78 -25.78
CA VAL F 144 6.67 -12.13 -25.31
C VAL F 144 6.79 -12.95 -24.03
N ARG F 145 7.77 -13.83 -23.97
CA ARG F 145 8.20 -14.45 -22.73
C ARG F 145 9.37 -13.68 -22.14
N ASN F 146 9.61 -13.88 -20.85
CA ASN F 146 10.77 -13.34 -20.15
C ASN F 146 10.79 -11.82 -20.09
N PHE F 147 9.66 -11.14 -20.33
CA PHE F 147 9.70 -9.68 -20.33
C PHE F 147 9.95 -9.11 -18.95
N ARG F 148 9.46 -9.75 -17.90
CA ARG F 148 9.64 -9.19 -16.56
C ARG F 148 11.10 -9.19 -16.15
N GLY F 149 11.89 -10.12 -16.69
CA GLY F 149 13.24 -10.31 -16.23
C GLY F 149 14.18 -9.39 -16.95
N LEU F 150 13.90 -9.08 -18.21
CA LEU F 150 14.71 -8.07 -18.87
C LEU F 150 14.52 -6.72 -18.22
N ALA F 151 13.29 -6.40 -17.82
CA ALA F 151 13.05 -5.14 -17.13
C ALA F 151 13.79 -5.10 -15.79
N GLU F 152 13.76 -6.20 -15.03
CA GLU F 152 14.51 -6.20 -13.77
C GLU F 152 16.01 -6.13 -14.02
N LEU F 153 16.49 -6.82 -15.05
CA LEU F 153 17.91 -6.81 -15.37
C LEU F 153 18.40 -5.41 -15.71
N LEU F 154 17.63 -4.69 -16.52
CA LEU F 154 17.98 -3.31 -16.83
C LEU F 154 17.92 -2.44 -15.59
N LYS F 155 16.90 -2.64 -14.75
CA LYS F 155 16.76 -1.78 -13.58
C LYS F 155 17.80 -2.07 -12.51
N VAL F 156 18.46 -3.23 -12.56
CA VAL F 156 19.42 -3.62 -11.53
C VAL F 156 20.87 -3.59 -12.00
N SER F 157 21.13 -3.60 -13.31
CA SER F 157 22.49 -3.58 -13.84
C SER F 157 22.94 -2.21 -14.32
N GLY F 158 22.00 -1.29 -14.55
CA GLY F 158 22.30 0.05 -15.01
C GLY F 158 22.05 1.06 -13.91
N LYS F 159 23.10 1.79 -13.54
CA LYS F 159 23.04 2.73 -12.43
C LYS F 159 21.99 3.81 -12.69
N MET F 160 21.33 4.24 -11.62
CA MET F 160 20.27 5.23 -11.77
C MET F 160 20.85 6.55 -12.25
N GLN F 161 20.08 7.25 -13.07
CA GLN F 161 20.56 8.44 -13.76
C GLN F 161 20.57 9.62 -12.79
N LYS F 162 21.77 10.08 -12.44
CA LYS F 162 21.98 11.27 -11.63
C LYS F 162 21.87 12.49 -12.53
N ARG F 163 22.22 13.67 -12.02
CA ARG F 163 22.28 14.89 -12.80
C ARG F 163 23.47 15.72 -12.32
N ASP F 164 24.11 16.41 -13.27
CA ASP F 164 25.27 17.27 -12.98
C ASP F 164 25.22 18.61 -13.72
N TRP F 165 24.08 18.97 -14.32
CA TRP F 165 23.95 20.12 -15.20
C TRP F 165 23.09 21.18 -14.55
N LYS F 166 23.60 22.41 -14.49
CA LYS F 166 22.86 23.53 -13.93
C LYS F 166 21.56 23.71 -14.69
N THR F 167 20.45 23.67 -13.97
CA THR F 167 19.14 23.76 -14.57
C THR F 167 18.79 25.23 -14.70
N ASN F 168 18.53 25.67 -15.93
CA ASN F 168 18.19 27.06 -16.17
C ASN F 168 16.84 27.39 -15.57
N VAL F 169 16.77 28.52 -14.89
CA VAL F 169 15.55 28.96 -14.20
C VAL F 169 15.14 30.29 -14.82
N HIS F 170 14.24 30.22 -15.80
CA HIS F 170 13.70 31.42 -16.44
C HIS F 170 12.43 31.82 -15.70
N VAL F 171 12.53 32.90 -14.93
CA VAL F 171 11.39 33.42 -14.19
C VAL F 171 10.54 34.25 -15.13
N ILE F 172 9.23 33.99 -15.11
CA ILE F 172 8.24 34.77 -15.86
C ILE F 172 7.38 35.47 -14.82
N VAL F 173 7.31 36.79 -14.91
CA VAL F 173 6.57 37.62 -13.98
C VAL F 173 5.85 38.70 -14.75
N GLY F 174 4.64 39.03 -14.30
CA GLY F 174 3.93 40.14 -14.86
C GLY F 174 2.59 40.36 -14.21
N PRO F 175 1.85 41.39 -14.64
CA PRO F 175 0.48 41.53 -14.18
C PRO F 175 -0.36 40.36 -14.65
N PRO F 176 -1.40 39.99 -13.87
CA PRO F 176 -2.12 38.73 -14.15
C PRO F 176 -2.74 38.66 -15.54
N GLY F 177 -2.78 37.44 -16.08
CA GLY F 177 -3.47 37.20 -17.33
C GLY F 177 -2.78 37.77 -18.55
N CYS F 178 -1.45 37.91 -18.50
CA CYS F 178 -0.69 38.62 -19.52
C CYS F 178 -0.18 37.68 -20.62
N GLY F 179 -0.86 36.56 -20.84
CA GLY F 179 -0.37 35.54 -21.75
C GLY F 179 0.86 34.83 -21.23
N LYS F 180 0.89 34.57 -19.93
CA LYS F 180 2.05 33.90 -19.34
C LYS F 180 2.08 32.41 -19.67
N SER F 181 0.93 31.75 -19.60
CA SER F 181 0.90 30.30 -19.79
C SER F 181 1.27 29.90 -21.21
N LYS F 182 0.80 30.67 -22.20
CA LYS F 182 1.15 30.39 -23.59
C LYS F 182 2.65 30.52 -23.80
N TRP F 183 3.25 31.55 -23.22
CA TRP F 183 4.70 31.69 -23.27
C TRP F 183 5.38 30.51 -22.61
N ALA F 184 4.81 30.02 -21.51
CA ALA F 184 5.40 28.89 -20.81
C ALA F 184 5.40 27.65 -21.69
N ALA F 185 4.26 27.32 -22.30
CA ALA F 185 4.23 26.18 -23.21
C ALA F 185 5.10 26.41 -24.44
N ASN F 186 5.31 27.66 -24.84
CA ASN F 186 6.09 27.97 -26.03
C ASN F 186 7.60 27.89 -25.80
N PHE F 187 8.05 27.67 -24.56
CA PHE F 187 9.47 27.52 -24.31
C PHE F 187 10.04 26.31 -25.05
N ALA F 188 9.31 25.20 -25.00
CA ALA F 188 9.74 23.95 -25.64
C ALA F 188 8.50 23.18 -26.08
N ASP F 189 8.70 21.91 -26.42
CA ASP F 189 7.61 21.08 -26.89
C ASP F 189 6.64 20.79 -25.74
N PRO F 190 5.31 21.00 -25.92
CA PRO F 190 4.39 20.69 -24.81
C PRO F 190 4.33 19.22 -24.46
N GLU F 191 4.73 18.32 -25.37
CA GLU F 191 4.61 16.89 -25.11
C GLU F 191 5.62 16.40 -24.09
N THR F 192 6.69 17.16 -23.85
CA THR F 192 7.72 16.87 -22.86
C THR F 192 7.81 18.03 -21.86
N THR F 193 6.66 18.51 -21.41
CA THR F 193 6.55 19.59 -20.44
C THR F 193 5.58 19.20 -19.33
N TYR F 194 5.97 19.47 -18.08
CA TYR F 194 5.31 18.85 -16.93
C TYR F 194 4.08 19.60 -16.46
N TRP F 195 4.18 20.90 -16.20
CA TRP F 195 3.12 21.67 -15.55
C TRP F 195 2.75 21.07 -14.18
N LYS F 196 3.75 21.09 -13.29
CA LYS F 196 3.72 20.52 -11.94
C LYS F 196 2.41 20.81 -11.22
N PRO F 197 1.76 19.82 -10.59
CA PRO F 197 0.55 20.13 -9.81
C PRO F 197 0.82 21.16 -8.73
N PRO F 198 0.22 22.34 -8.77
CA PRO F 198 0.61 23.39 -7.84
C PRO F 198 0.07 23.15 -6.43
N ARG F 199 0.71 23.83 -5.49
CA ARG F 199 0.29 23.93 -4.10
C ARG F 199 0.42 22.62 -3.33
N ASN F 200 1.30 21.71 -3.73
CA ASN F 200 1.57 20.52 -2.95
C ASN F 200 2.99 20.08 -3.23
N LYS F 201 3.36 18.95 -2.62
CA LYS F 201 4.71 18.45 -2.59
C LYS F 201 4.75 17.03 -3.09
N TRP F 202 4.05 16.78 -4.20
CA TRP F 202 4.04 15.47 -4.86
C TRP F 202 4.22 15.70 -6.35
N TRP F 203 5.45 15.53 -6.80
CA TRP F 203 5.80 15.58 -8.21
C TRP F 203 5.37 14.26 -8.83
N ASP F 204 4.07 14.15 -9.11
CA ASP F 204 3.56 12.88 -9.63
C ASP F 204 4.17 12.56 -10.98
N GLY F 205 4.99 11.51 -11.00
CA GLY F 205 5.72 11.05 -12.17
C GLY F 205 4.82 10.76 -13.34
N TYR F 206 5.03 11.20 -14.60
CA TYR F 206 5.97 12.12 -15.32
C TYR F 206 7.43 11.76 -15.65
N HIS F 207 7.99 10.67 -15.18
CA HIS F 207 9.02 9.86 -15.85
C HIS F 207 10.36 10.57 -16.00
N GLY F 208 10.46 11.86 -15.62
CA GLY F 208 11.63 12.69 -15.88
C GLY F 208 11.26 13.45 -17.15
N GLU F 209 10.88 14.76 -17.17
CA GLU F 209 10.35 15.29 -18.43
C GLU F 209 10.84 16.66 -18.84
N GLU F 210 11.77 17.26 -18.14
CA GLU F 210 12.97 17.93 -18.60
C GLU F 210 12.75 19.28 -19.28
N VAL F 211 11.53 19.70 -19.56
CA VAL F 211 10.92 20.96 -19.13
C VAL F 211 10.17 20.76 -17.81
N VAL F 212 10.41 21.65 -16.85
CA VAL F 212 9.56 21.77 -15.66
C VAL F 212 8.98 23.18 -15.64
N VAL F 213 7.66 23.30 -15.71
CA VAL F 213 7.00 24.59 -15.53
C VAL F 213 6.19 24.53 -14.24
N ILE F 214 6.78 25.02 -13.16
CA ILE F 214 6.04 25.41 -11.97
C ILE F 214 5.24 26.66 -12.31
N ASP F 215 3.91 26.54 -12.39
CA ASP F 215 3.11 27.70 -12.75
C ASP F 215 2.52 28.36 -11.51
N ASP F 216 2.23 29.66 -11.67
CA ASP F 216 1.63 30.53 -10.65
C ASP F 216 2.29 30.40 -9.27
N PHE F 217 3.60 30.16 -9.23
CA PHE F 217 4.32 30.12 -7.97
C PHE F 217 4.21 31.45 -7.23
N TYR F 218 3.81 31.40 -5.95
CA TYR F 218 3.78 32.59 -5.12
C TYR F 218 4.31 32.37 -3.70
N GLY F 219 5.13 31.34 -3.47
CA GLY F 219 5.87 31.19 -2.22
C GLY F 219 5.58 29.97 -1.37
N TRP F 220 5.16 28.85 -1.97
CA TRP F 220 4.61 27.73 -1.23
C TRP F 220 5.53 26.52 -1.16
N LEU F 221 6.48 26.38 -2.07
CA LEU F 221 7.50 25.36 -1.88
C LEU F 221 8.42 25.79 -0.74
N PRO F 222 9.00 24.85 0.01
CA PRO F 222 9.98 25.25 1.03
C PRO F 222 11.20 25.91 0.41
N TRP F 223 11.81 26.80 1.18
CA TRP F 223 12.91 27.62 0.68
C TRP F 223 14.09 26.77 0.23
N ASP F 224 14.56 25.88 1.10
CA ASP F 224 15.72 25.08 0.75
C ASP F 224 15.39 24.08 -0.34
N ASP F 225 14.14 23.62 -0.39
CA ASP F 225 13.74 22.73 -1.49
C ASP F 225 13.84 23.42 -2.83
N LEU F 226 13.39 24.68 -2.92
CA LEU F 226 13.52 25.42 -4.17
C LEU F 226 14.97 25.70 -4.49
N LEU F 227 15.77 26.03 -3.48
CA LEU F 227 17.21 26.19 -3.71
C LEU F 227 17.86 24.91 -4.21
N ARG F 228 17.30 23.76 -3.84
CA ARG F 228 17.88 22.50 -4.27
C ARG F 228 17.42 22.13 -5.67
N LEU F 229 16.17 22.41 -6.01
CA LEU F 229 15.64 22.14 -7.34
C LEU F 229 16.37 22.83 -8.47
N CYS F 230 17.19 23.84 -8.20
CA CYS F 230 17.85 24.65 -9.19
C CYS F 230 19.36 24.66 -8.99
N ASP F 231 19.92 23.51 -8.65
CA ASP F 231 21.33 23.34 -8.35
C ASP F 231 21.91 22.30 -9.29
N ARG F 232 23.25 22.25 -9.31
CA ARG F 232 23.96 21.38 -10.24
C ARG F 232 24.08 19.95 -9.74
N TYR F 233 23.40 19.55 -8.67
CA TYR F 233 23.64 18.28 -8.02
C TYR F 233 22.35 17.50 -7.83
N PRO F 234 22.40 16.17 -7.86
CA PRO F 234 21.19 15.37 -8.07
C PRO F 234 20.18 15.51 -6.94
N LEU F 235 18.92 15.33 -7.30
CA LEU F 235 17.81 15.44 -6.39
C LEU F 235 16.80 14.40 -6.83
N THR F 236 15.94 13.98 -5.91
CA THR F 236 14.90 12.99 -6.20
C THR F 236 13.60 13.44 -5.54
N VAL F 237 12.73 14.05 -6.35
CA VAL F 237 11.39 14.38 -5.88
C VAL F 237 10.56 13.12 -5.78
N GLU F 238 9.54 13.18 -4.92
CA GLU F 238 8.78 12.01 -4.51
C GLU F 238 7.33 12.16 -4.92
N THR F 239 6.78 11.11 -5.53
CA THR F 239 5.36 11.05 -5.86
C THR F 239 4.62 10.42 -4.68
N LYS F 240 3.35 10.10 -4.88
CA LYS F 240 2.65 9.23 -3.94
C LYS F 240 2.99 7.81 -4.31
N GLY F 241 3.63 7.09 -3.40
CA GLY F 241 4.05 5.70 -3.29
C GLY F 241 5.38 5.38 -3.92
N GLY F 242 6.23 6.38 -4.13
CA GLY F 242 7.56 6.11 -4.62
C GLY F 242 8.29 7.41 -4.89
N THR F 243 9.50 7.25 -5.45
CA THR F 243 10.38 8.36 -5.76
C THR F 243 10.83 8.27 -7.20
N VAL F 244 11.00 9.44 -7.82
CA VAL F 244 11.34 9.58 -9.24
C VAL F 244 12.60 10.41 -9.32
N PRO F 245 13.66 9.98 -10.03
CA PRO F 245 14.81 10.85 -10.23
C PRO F 245 14.42 12.11 -10.98
N PHE F 246 14.97 13.24 -10.55
CA PHE F 246 14.65 14.55 -11.06
C PHE F 246 15.78 15.04 -11.95
N LEU F 247 15.54 15.07 -13.26
CA LEU F 247 16.55 15.44 -14.26
C LEU F 247 15.92 16.51 -15.14
N ALA F 248 16.06 17.77 -14.76
CA ALA F 248 15.45 18.88 -15.48
C ALA F 248 16.53 19.78 -16.05
N ARG F 249 16.41 20.07 -17.35
CA ARG F 249 17.26 21.03 -18.04
C ARG F 249 16.70 22.45 -18.03
N SER F 250 15.49 22.65 -17.52
CA SER F 250 14.88 23.97 -17.55
C SER F 250 13.73 23.99 -16.56
N ILE F 251 13.73 24.96 -15.66
CA ILE F 251 12.61 25.21 -14.75
C ILE F 251 12.04 26.58 -15.11
N LEU F 252 10.74 26.64 -15.36
CA LEU F 252 10.07 27.88 -15.77
C LEU F 252 9.15 28.33 -14.64
N ILE F 253 9.69 29.18 -13.75
CA ILE F 253 8.94 29.66 -12.60
C ILE F 253 8.05 30.81 -13.07
N THR F 254 6.79 30.52 -13.36
CA THR F 254 5.82 31.54 -13.74
C THR F 254 5.10 32.05 -12.49
N SER F 255 5.29 33.33 -12.19
CA SER F 255 4.83 33.96 -10.95
C SER F 255 3.90 35.12 -11.27
N ASN F 256 3.51 35.85 -10.22
CA ASN F 256 2.65 37.03 -10.32
C ASN F 256 3.35 38.33 -9.95
N GLN F 257 4.31 38.29 -9.03
CA GLN F 257 4.98 39.48 -8.51
C GLN F 257 6.49 39.22 -8.48
N THR F 258 7.24 40.16 -7.90
CA THR F 258 8.69 40.12 -7.94
C THR F 258 9.23 38.91 -7.19
N PRO F 259 10.36 38.33 -7.61
CA PRO F 259 10.95 37.23 -6.83
C PRO F 259 11.31 37.59 -5.39
N LEU F 260 11.48 38.86 -5.06
CA LEU F 260 11.80 39.24 -3.68
C LEU F 260 10.59 39.19 -2.75
N GLU F 261 9.36 39.17 -3.28
CA GLU F 261 8.16 39.06 -2.45
C GLU F 261 7.73 37.62 -2.20
N TRP F 262 8.37 36.64 -2.86
CA TRP F 262 8.04 35.25 -2.60
C TRP F 262 8.30 34.87 -1.15
N TYR F 263 9.31 35.48 -0.54
CA TYR F 263 9.62 35.28 0.86
C TYR F 263 10.07 36.61 1.44
N SER F 264 10.05 36.70 2.77
CA SER F 264 10.64 37.79 3.52
C SER F 264 11.98 37.35 4.08
N SER F 265 12.90 38.31 4.22
CA SER F 265 14.25 37.99 4.67
C SER F 265 14.32 37.50 6.10
N THR F 266 13.26 37.68 6.89
CA THR F 266 13.24 37.15 8.25
C THR F 266 13.10 35.64 8.24
N ALA F 267 12.12 35.12 7.49
CA ALA F 267 11.89 33.68 7.45
C ALA F 267 12.98 32.93 6.68
N VAL F 268 13.72 33.62 5.80
CA VAL F 268 14.71 32.99 4.93
C VAL F 268 16.10 33.38 5.44
N PRO F 269 16.82 32.48 6.15
CA PRO F 269 18.23 32.75 6.53
C PRO F 269 19.26 32.30 5.48
N ALA F 270 19.16 32.86 4.26
CA ALA F 270 20.19 32.64 3.23
C ALA F 270 20.98 33.90 2.86
N VAL F 271 20.39 35.04 2.47
CA VAL F 271 19.00 35.28 2.07
C VAL F 271 18.93 35.64 0.56
N GLU F 272 20.07 35.79 -0.11
CA GLU F 272 20.14 36.15 -1.53
C GLU F 272 20.65 34.99 -2.39
N ALA F 273 20.47 33.76 -1.93
CA ALA F 273 21.01 32.60 -2.63
C ALA F 273 20.15 32.15 -3.81
N LEU F 274 18.91 32.64 -3.93
CA LEU F 274 18.07 32.24 -5.05
C LEU F 274 18.50 32.93 -6.34
N TYR F 275 18.86 34.21 -6.26
CA TYR F 275 19.13 35.00 -7.45
C TYR F 275 20.36 34.50 -8.21
N ARG F 276 21.28 33.82 -7.52
CA ARG F 276 22.36 33.13 -8.22
C ARG F 276 21.80 32.08 -9.17
N ARG F 277 20.72 31.41 -8.77
CA ARG F 277 20.18 30.31 -9.52
C ARG F 277 19.28 30.77 -10.66
N ILE F 278 18.69 31.96 -10.56
CA ILE F 278 17.89 32.48 -11.67
C ILE F 278 18.80 32.76 -12.84
N THR F 279 18.48 32.17 -14.00
CA THR F 279 19.28 32.39 -15.19
C THR F 279 18.95 33.74 -15.81
N SER F 280 17.67 33.94 -16.16
CA SER F 280 17.21 35.19 -16.74
C SER F 280 15.87 35.53 -16.12
N LEU F 281 15.25 36.60 -16.63
CA LEU F 281 13.97 37.05 -16.13
C LEU F 281 13.20 37.64 -17.30
N VAL F 282 11.92 37.28 -17.38
CA VAL F 282 11.02 37.74 -18.43
C VAL F 282 9.90 38.54 -17.77
N PHE F 283 9.63 39.72 -18.32
CA PHE F 283 8.71 40.69 -17.75
C PHE F 283 7.75 41.16 -18.83
N TRP F 284 6.61 41.70 -18.39
CA TRP F 284 5.60 42.28 -19.25
C TRP F 284 5.44 43.74 -18.82
N LYS F 285 5.88 44.64 -19.70
CA LYS F 285 5.79 46.09 -19.46
C LYS F 285 4.40 46.55 -19.85
N ASN F 286 4.18 47.87 -19.91
CA ASN F 286 2.81 48.41 -19.84
C ASN F 286 2.13 48.18 -21.18
N ALA F 287 1.68 46.93 -21.35
CA ALA F 287 0.96 46.49 -22.54
C ALA F 287 1.77 46.75 -23.82
N THR F 288 3.04 46.34 -23.80
CA THR F 288 3.88 46.32 -25.00
C THR F 288 4.21 44.93 -25.48
N GLU F 289 4.78 44.08 -24.62
CA GLU F 289 5.15 42.71 -24.98
C GLU F 289 5.62 42.02 -23.71
N GLN F 290 5.95 40.74 -23.84
CA GLN F 290 6.67 39.99 -22.81
C GLN F 290 8.16 40.27 -22.96
N SER F 291 8.61 41.37 -22.35
CA SER F 291 9.99 41.83 -22.51
C SER F 291 10.95 40.99 -21.67
N THR F 292 12.12 40.70 -22.24
CA THR F 292 13.17 39.94 -21.56
C THR F 292 14.07 40.87 -20.78
N GLU F 293 14.22 40.60 -19.49
CA GLU F 293 14.83 41.56 -18.58
C GLU F 293 16.33 41.70 -18.83
N GLU F 294 16.83 42.91 -18.59
CA GLU F 294 18.27 43.15 -18.60
C GLU F 294 18.95 42.39 -17.46
N GLY F 295 18.37 42.43 -16.26
CA GLY F 295 18.96 41.81 -15.10
C GLY F 295 20.01 42.62 -14.39
N GLY F 296 20.42 43.76 -14.95
CA GLY F 296 21.51 44.55 -14.40
C GLY F 296 21.09 45.65 -13.43
N GLN F 297 19.82 46.00 -13.40
CA GLN F 297 19.34 47.04 -12.48
C GLN F 297 19.17 46.47 -11.07
N PHE F 298 18.37 45.41 -10.95
CA PHE F 298 18.05 44.83 -9.66
C PHE F 298 19.21 43.93 -9.23
N VAL F 299 19.01 43.15 -8.17
CA VAL F 299 20.02 42.20 -7.72
C VAL F 299 20.34 41.24 -8.85
N THR F 300 21.64 40.98 -9.06
CA THR F 300 22.09 40.38 -10.30
C THR F 300 21.68 38.91 -10.39
N LEU F 301 21.86 38.36 -11.59
CA LEU F 301 21.40 37.01 -11.93
C LEU F 301 22.57 36.07 -12.17
#